data_1D86
# 
_entry.id   1D86 
# 
_audit_conform.dict_name       mmcif_pdbx.dic 
_audit_conform.dict_version    5.385 
_audit_conform.dict_location   http://mmcif.pdb.org/dictionaries/ascii/mmcif_pdbx.dic 
# 
loop_
_database_2.database_id 
_database_2.database_code 
_database_2.pdbx_database_accession 
_database_2.pdbx_DOI 
PDB   1D86         pdb_00001d86 10.2210/pdb1d86/pdb 
RCSB  GDL018       ?            ?                   
WWPDB D_1000172683 ?            ?                   
# 
loop_
_pdbx_audit_revision_history.ordinal 
_pdbx_audit_revision_history.data_content_type 
_pdbx_audit_revision_history.major_revision 
_pdbx_audit_revision_history.minor_revision 
_pdbx_audit_revision_history.revision_date 
1 'Structure model' 1 0 1993-07-15 
2 'Structure model' 1 1 2008-05-22 
3 'Structure model' 1 2 2011-07-13 
4 'Structure model' 1 3 2024-02-07 
# 
_pdbx_audit_revision_details.ordinal             1 
_pdbx_audit_revision_details.revision_ordinal    1 
_pdbx_audit_revision_details.data_content_type   'Structure model' 
_pdbx_audit_revision_details.provider            repository 
_pdbx_audit_revision_details.type                'Initial release' 
_pdbx_audit_revision_details.description         ? 
_pdbx_audit_revision_details.details             ? 
# 
loop_
_pdbx_audit_revision_group.ordinal 
_pdbx_audit_revision_group.revision_ordinal 
_pdbx_audit_revision_group.data_content_type 
_pdbx_audit_revision_group.group 
1 2 'Structure model' 'Version format compliance' 
2 3 'Structure model' 'Version format compliance' 
3 4 'Structure model' 'Data collection'           
4 4 'Structure model' 'Database references'       
5 4 'Structure model' 'Derived calculations'      
# 
loop_
_pdbx_audit_revision_category.ordinal 
_pdbx_audit_revision_category.revision_ordinal 
_pdbx_audit_revision_category.data_content_type 
_pdbx_audit_revision_category.category 
1 4 'Structure model' chem_comp_atom 
2 4 'Structure model' chem_comp_bond 
3 4 'Structure model' database_2     
4 4 'Structure model' struct_site    
# 
loop_
_pdbx_audit_revision_item.ordinal 
_pdbx_audit_revision_item.revision_ordinal 
_pdbx_audit_revision_item.data_content_type 
_pdbx_audit_revision_item.item 
1 4 'Structure model' '_database_2.pdbx_DOI'                
2 4 'Structure model' '_database_2.pdbx_database_accession' 
3 4 'Structure model' '_struct_site.pdbx_auth_asym_id'      
4 4 'Structure model' '_struct_site.pdbx_auth_comp_id'      
5 4 'Structure model' '_struct_site.pdbx_auth_seq_id'       
# 
_pdbx_database_status.status_code                     REL 
_pdbx_database_status.entry_id                        1D86 
_pdbx_database_status.recvd_initial_deposition_date   1992-08-24 
_pdbx_database_status.deposit_site                    BNL 
_pdbx_database_status.process_site                    NDB 
_pdbx_database_status.SG_entry                        . 
_pdbx_database_status.pdb_format_compatible           Y 
_pdbx_database_status.status_code_mr                  ? 
_pdbx_database_status.status_code_sf                  ? 
_pdbx_database_status.status_code_cs                  ? 
_pdbx_database_status.status_code_nmr_data            ? 
_pdbx_database_status.methods_development_category    ? 
# 
loop_
_audit_author.name 
_audit_author.pdbx_ordinal 
'Sriram, M.'          1 
'Van Der Marel, G.A.' 2 
'Roelen, H.L.P.F.'    3 
'Van Boom, J.H.'      4 
'Wang, A.H.-J.'       5 
# 
_citation.id                        primary 
_citation.title                     
;Structural consequences of a carcinogenic alkylation lesion on DNA: effect of O6-ethylguanine on the molecular structure of the d(CGC[e6G]AATTCGCG)-netropsin complex.
;
_citation.journal_abbrev            Biochemistry 
_citation.journal_volume            31 
_citation.page_first                11823 
_citation.page_last                 11834 
_citation.year                      1992 
_citation.journal_id_ASTM           BICHAW 
_citation.country                   US 
_citation.journal_id_ISSN           0006-2960 
_citation.journal_id_CSD            0033 
_citation.book_publisher            ? 
_citation.pdbx_database_id_PubMed   1332773 
_citation.pdbx_database_id_DOI      10.1021/bi00162a022 
# 
loop_
_citation_author.citation_id 
_citation_author.name 
_citation_author.ordinal 
_citation_author.identifier_ORCID 
primary 'Sriram, M.'          1 ? 
primary 'van der Marel, G.A.' 2 ? 
primary 'Roelen, H.L.'        3 ? 
primary 'van Boom, J.H.'      4 ? 
primary 'Wang, A.H.'          5 ? 
# 
loop_
_entity.id 
_entity.type 
_entity.src_method 
_entity.pdbx_description 
_entity.formula_weight 
_entity.pdbx_number_of_molecules 
_entity.pdbx_ec 
_entity.pdbx_mutation 
_entity.pdbx_fragment 
_entity.details 
1 polymer     syn 
;DNA (5'-D(*CP*GP*CP*GP*AP*AP*TP*TP*CP*GP*CP*G)-3')
;
3663.392 2  ? ? ? ? 
2 non-polymer syn NETROPSIN                                            430.464  1  ? ? ? ? 
3 water       nat water                                                18.015   74 ? ? ? ? 
# 
_entity_poly.entity_id                      1 
_entity_poly.type                           polydeoxyribonucleotide 
_entity_poly.nstd_linkage                   no 
_entity_poly.nstd_monomer                   no 
_entity_poly.pdbx_seq_one_letter_code       '(DC)(DG)(DC)(DG)(DA)(DA)(DT)(DT)(DC)(DG)(DC)(DG)' 
_entity_poly.pdbx_seq_one_letter_code_can   CGCGAATTCGCG 
_entity_poly.pdbx_strand_id                 A,B 
_entity_poly.pdbx_target_identifier         ? 
# 
loop_
_pdbx_entity_nonpoly.entity_id 
_pdbx_entity_nonpoly.name 
_pdbx_entity_nonpoly.comp_id 
2 NETROPSIN NT  
3 water     HOH 
# 
loop_
_entity_poly_seq.entity_id 
_entity_poly_seq.num 
_entity_poly_seq.mon_id 
_entity_poly_seq.hetero 
1 1  DC n 
1 2  DG n 
1 3  DC n 
1 4  DG n 
1 5  DA n 
1 6  DA n 
1 7  DT n 
1 8  DT n 
1 9  DC n 
1 10 DG n 
1 11 DC n 
1 12 DG n 
# 
loop_
_chem_comp.id 
_chem_comp.type 
_chem_comp.mon_nstd_flag 
_chem_comp.name 
_chem_comp.pdbx_synonyms 
_chem_comp.formula 
_chem_comp.formula_weight 
DA  'DNA linking' y "2'-DEOXYADENOSINE-5'-MONOPHOSPHATE" ? 'C10 H14 N5 O6 P' 331.222 
DC  'DNA linking' y "2'-DEOXYCYTIDINE-5'-MONOPHOSPHATE"  ? 'C9 H14 N3 O7 P'  307.197 
DG  'DNA linking' y "2'-DEOXYGUANOSINE-5'-MONOPHOSPHATE" ? 'C10 H14 N5 O7 P' 347.221 
DT  'DNA linking' y "THYMIDINE-5'-MONOPHOSPHATE"         ? 'C10 H15 N2 O8 P' 322.208 
HOH non-polymer   . WATER                                ? 'H2 O'            18.015  
NT  non-polymer   . NETROPSIN                            ? 'C18 H26 N10 O3'  430.464 
# 
loop_
_pdbx_poly_seq_scheme.asym_id 
_pdbx_poly_seq_scheme.entity_id 
_pdbx_poly_seq_scheme.seq_id 
_pdbx_poly_seq_scheme.mon_id 
_pdbx_poly_seq_scheme.ndb_seq_num 
_pdbx_poly_seq_scheme.pdb_seq_num 
_pdbx_poly_seq_scheme.auth_seq_num 
_pdbx_poly_seq_scheme.pdb_mon_id 
_pdbx_poly_seq_scheme.auth_mon_id 
_pdbx_poly_seq_scheme.pdb_strand_id 
_pdbx_poly_seq_scheme.pdb_ins_code 
_pdbx_poly_seq_scheme.hetero 
A 1 1  DC 1  1  1  DC C A . n 
A 1 2  DG 2  2  2  DG G A . n 
A 1 3  DC 3  3  3  DC C A . n 
A 1 4  DG 4  4  4  DG G A . n 
A 1 5  DA 5  5  5  DA A A . n 
A 1 6  DA 6  6  6  DA A A . n 
A 1 7  DT 7  7  7  DT T A . n 
A 1 8  DT 8  8  8  DT T A . n 
A 1 9  DC 9  9  9  DC C A . n 
A 1 10 DG 10 10 10 DG G A . n 
A 1 11 DC 11 11 11 DC C A . n 
A 1 12 DG 12 12 12 DG G A . n 
B 1 1  DC 1  13 13 DC C B . n 
B 1 2  DG 2  14 14 DG G B . n 
B 1 3  DC 3  15 15 DC C B . n 
B 1 4  DG 4  16 16 DG G B . n 
B 1 5  DA 5  17 17 DA A B . n 
B 1 6  DA 6  18 18 DA A B . n 
B 1 7  DT 7  19 19 DT T B . n 
B 1 8  DT 8  20 20 DT T B . n 
B 1 9  DC 9  21 21 DC C B . n 
B 1 10 DG 10 22 22 DG G B . n 
B 1 11 DC 11 23 23 DC C B . n 
B 1 12 DG 12 24 24 DG G B . n 
# 
loop_
_pdbx_nonpoly_scheme.asym_id 
_pdbx_nonpoly_scheme.entity_id 
_pdbx_nonpoly_scheme.mon_id 
_pdbx_nonpoly_scheme.ndb_seq_num 
_pdbx_nonpoly_scheme.pdb_seq_num 
_pdbx_nonpoly_scheme.auth_seq_num 
_pdbx_nonpoly_scheme.pdb_mon_id 
_pdbx_nonpoly_scheme.auth_mon_id 
_pdbx_nonpoly_scheme.pdb_strand_id 
_pdbx_nonpoly_scheme.pdb_ins_code 
C 2 NT  1  25 25 NT  NT  B . 
D 3 HOH 1  27 27 HOH HOH A . 
D 3 HOH 2  28 28 HOH HOH A . 
D 3 HOH 3  30 30 HOH HOH A . 
D 3 HOH 4  31 31 HOH HOH A . 
D 3 HOH 5  33 33 HOH HOH A . 
D 3 HOH 6  35 35 HOH HOH A . 
D 3 HOH 7  37 37 HOH HOH A . 
D 3 HOH 8  38 38 HOH HOH A . 
D 3 HOH 9  42 42 HOH HOH A . 
D 3 HOH 10 43 43 HOH HOH A . 
D 3 HOH 11 44 44 HOH HOH A . 
D 3 HOH 12 45 45 HOH HOH A . 
D 3 HOH 13 46 46 HOH HOH A . 
D 3 HOH 14 48 48 HOH HOH A . 
D 3 HOH 15 49 49 HOH HOH A . 
D 3 HOH 16 50 50 HOH HOH A . 
D 3 HOH 17 53 53 HOH HOH A . 
D 3 HOH 18 54 54 HOH HOH A . 
D 3 HOH 19 55 55 HOH HOH A . 
D 3 HOH 20 59 59 HOH HOH A . 
D 3 HOH 21 61 61 HOH HOH A . 
D 3 HOH 22 62 62 HOH HOH A . 
D 3 HOH 23 63 63 HOH HOH A . 
D 3 HOH 24 64 64 HOH HOH A . 
D 3 HOH 25 65 65 HOH HOH A . 
D 3 HOH 26 66 66 HOH HOH A . 
D 3 HOH 27 67 67 HOH HOH A . 
D 3 HOH 28 72 72 HOH HOH A . 
D 3 HOH 29 75 75 HOH HOH A . 
D 3 HOH 30 79 79 HOH HOH A . 
D 3 HOH 31 80 80 HOH HOH A . 
D 3 HOH 32 82 82 HOH HOH A . 
D 3 HOH 33 87 87 HOH HOH A . 
D 3 HOH 34 89 89 HOH HOH A . 
D 3 HOH 35 90 90 HOH HOH A . 
D 3 HOH 36 93 93 HOH HOH A . 
D 3 HOH 37 94 94 HOH HOH A . 
D 3 HOH 38 95 95 HOH HOH A . 
D 3 HOH 39 98 98 HOH HOH A . 
D 3 HOH 40 99 99 HOH HOH A . 
E 3 HOH 1  26 26 HOH HOH B . 
E 3 HOH 2  29 29 HOH HOH B . 
E 3 HOH 3  32 32 HOH HOH B . 
E 3 HOH 4  34 34 HOH HOH B . 
E 3 HOH 5  36 36 HOH HOH B . 
E 3 HOH 6  39 39 HOH HOH B . 
E 3 HOH 7  40 40 HOH HOH B . 
E 3 HOH 8  41 41 HOH HOH B . 
E 3 HOH 9  47 47 HOH HOH B . 
E 3 HOH 10 51 51 HOH HOH B . 
E 3 HOH 11 52 52 HOH HOH B . 
E 3 HOH 12 56 56 HOH HOH B . 
E 3 HOH 13 57 57 HOH HOH B . 
E 3 HOH 14 58 58 HOH HOH B . 
E 3 HOH 15 60 60 HOH HOH B . 
E 3 HOH 16 68 68 HOH HOH B . 
E 3 HOH 17 69 69 HOH HOH B . 
E 3 HOH 18 70 70 HOH HOH B . 
E 3 HOH 19 71 71 HOH HOH B . 
E 3 HOH 20 73 73 HOH HOH B . 
E 3 HOH 21 74 74 HOH HOH B . 
E 3 HOH 22 76 76 HOH HOH B . 
E 3 HOH 23 77 77 HOH HOH B . 
E 3 HOH 24 78 78 HOH HOH B . 
E 3 HOH 25 81 81 HOH HOH B . 
E 3 HOH 26 83 83 HOH HOH B . 
E 3 HOH 27 84 84 HOH HOH B . 
E 3 HOH 28 85 85 HOH HOH B . 
E 3 HOH 29 86 86 HOH HOH B . 
E 3 HOH 30 88 88 HOH HOH B . 
E 3 HOH 31 91 91 HOH HOH B . 
E 3 HOH 32 92 92 HOH HOH B . 
E 3 HOH 33 96 96 HOH HOH B . 
E 3 HOH 34 97 97 HOH HOH B . 
# 
_software.name             NUCLSQ 
_software.classification   refinement 
_software.version          . 
_software.citation_id      ? 
_software.pdbx_ordinal     1 
# 
_cell.entry_id           1D86 
_cell.length_a           25.057 
_cell.length_b           40.783 
_cell.length_c           65.591 
_cell.angle_alpha        90.00 
_cell.angle_beta         90.00 
_cell.angle_gamma        90.00 
_cell.Z_PDB              8 
_cell.pdbx_unique_axis   ? 
# 
_symmetry.entry_id                         1D86 
_symmetry.space_group_name_H-M             'P 21 21 21' 
_symmetry.pdbx_full_space_group_name_H-M   ? 
_symmetry.cell_setting                     ? 
_symmetry.Int_Tables_number                19 
# 
_exptl.entry_id          1D86 
_exptl.method            'X-RAY DIFFRACTION' 
_exptl.crystals_number   ? 
# 
_exptl_crystal.id                    1 
_exptl_crystal.density_meas          ? 
_exptl_crystal.density_Matthews      2.29 
_exptl_crystal.density_percent_sol   46.22 
_exptl_crystal.description           ? 
# 
_exptl_crystal_grow.crystal_id      1 
_exptl_crystal_grow.method          'VAPOR DIFFUSION' 
_exptl_crystal_grow.temp            ? 
_exptl_crystal_grow.temp_details    'ROOM TEMPERATURE' 
_exptl_crystal_grow.pH              6.00 
_exptl_crystal_grow.pdbx_details    'pH 6.00, VAPOR DIFFUSION' 
_exptl_crystal_grow.pdbx_pH_range   ? 
# 
loop_
_exptl_crystal_grow_comp.crystal_id 
_exptl_crystal_grow_comp.id 
_exptl_crystal_grow_comp.sol_id 
_exptl_crystal_grow_comp.name 
_exptl_crystal_grow_comp.volume 
_exptl_crystal_grow_comp.conc 
_exptl_crystal_grow_comp.details 
1 1 1 WATER           ? ? ? 
1 2 1 MPD             ? ? ? 
1 3 1 'NA CACODYLATE' ? ? ? 
1 4 1 MGCL2           ? ? ? 
1 5 1 SPERMINE        ? ? ? 
1 6 2 WATER           ? ? ? 
1 7 2 MPD             ? ? ? 
# 
_diffrn.id                     1 
_diffrn.ambient_temp           ? 
_diffrn.ambient_temp_details   'ROOM TEMPERATURE' 
_diffrn.crystal_id             1 
# 
_diffrn_detector.diffrn_id              1 
_diffrn_detector.detector               DIFFRACTOMETER 
_diffrn_detector.type                   'RIGAKU AFC-5R' 
_diffrn_detector.pdbx_collection_date   ? 
_diffrn_detector.details                ? 
# 
_diffrn_radiation.diffrn_id                        1 
_diffrn_radiation.wavelength_id                    1 
_diffrn_radiation.pdbx_monochromatic_or_laue_m_l   ? 
_diffrn_radiation.monochromator                    ? 
_diffrn_radiation.pdbx_diffrn_protocol             ? 
_diffrn_radiation.pdbx_scattering_type             x-ray 
# 
_diffrn_radiation_wavelength.id           1 
_diffrn_radiation_wavelength.wavelength   . 
_diffrn_radiation_wavelength.wt           1.0 
# 
_diffrn_source.diffrn_id                   1 
_diffrn_source.source                      'ROTATING ANODE' 
_diffrn_source.type                        ? 
_diffrn_source.pdbx_synchrotron_site       ? 
_diffrn_source.pdbx_synchrotron_beamline   ? 
_diffrn_source.pdbx_wavelength             ? 
_diffrn_source.pdbx_wavelength_list        ? 
# 
_reflns.entry_id                     1D86 
_reflns.observed_criterion_sigma_I   ? 
_reflns.observed_criterion_sigma_F   ? 
_reflns.d_resolution_low             ? 
_reflns.d_resolution_high            2.000 
_reflns.number_obs                   ? 
_reflns.number_all                   ? 
_reflns.percent_possible_obs         ? 
_reflns.pdbx_Rmerge_I_obs            ? 
_reflns.pdbx_Rsym_value              ? 
_reflns.pdbx_netI_over_sigmaI        ? 
_reflns.B_iso_Wilson_estimate        ? 
_reflns.pdbx_redundancy              ? 
_reflns.pdbx_diffrn_id               1 
_reflns.pdbx_ordinal                 1 
# 
_refine.entry_id                                 1D86 
_refine.ls_number_reflns_obs                     2056 
_refine.ls_number_reflns_all                     ? 
_refine.pdbx_ls_sigma_I                          ? 
_refine.pdbx_ls_sigma_F                          2.000 
_refine.pdbx_data_cutoff_high_absF               ? 
_refine.pdbx_data_cutoff_low_absF                ? 
_refine.pdbx_data_cutoff_high_rms_absF           ? 
_refine.ls_d_res_low                             ? 
_refine.ls_d_res_high                            2.200 
_refine.ls_percent_reflns_obs                    ? 
_refine.ls_R_factor_obs                          0.1640000 
_refine.ls_R_factor_all                          ? 
_refine.ls_R_factor_R_work                       ? 
_refine.ls_R_factor_R_free                       ? 
_refine.ls_R_factor_R_free_error                 ? 
_refine.ls_R_factor_R_free_error_details         ? 
_refine.ls_percent_reflns_R_free                 ? 
_refine.ls_number_reflns_R_free                  ? 
_refine.ls_number_parameters                     ? 
_refine.ls_number_restraints                     ? 
_refine.occupancy_min                            ? 
_refine.occupancy_max                            ? 
_refine.B_iso_mean                               ? 
_refine.aniso_B[1][1]                            ? 
_refine.aniso_B[2][2]                            ? 
_refine.aniso_B[3][3]                            ? 
_refine.aniso_B[1][2]                            ? 
_refine.aniso_B[1][3]                            ? 
_refine.aniso_B[2][3]                            ? 
_refine.solvent_model_details                    ? 
_refine.solvent_model_param_ksol                 ? 
_refine.solvent_model_param_bsol                 ? 
_refine.pdbx_ls_cross_valid_method               ? 
_refine.details                                  ? 
_refine.pdbx_starting_model                      ? 
_refine.pdbx_method_to_determine_struct          ? 
_refine.pdbx_isotropic_thermal_model             ? 
_refine.pdbx_stereochemistry_target_values       ? 
_refine.pdbx_stereochem_target_val_spec_case     ? 
_refine.pdbx_R_Free_selection_details            ? 
_refine.pdbx_overall_ESU_R                       ? 
_refine.pdbx_overall_ESU_R_Free                  ? 
_refine.overall_SU_ML                            ? 
_refine.overall_SU_B                             ? 
_refine.pdbx_refine_id                           'X-RAY DIFFRACTION' 
_refine.pdbx_diffrn_id                           1 
_refine.pdbx_TLS_residual_ADP_flag               ? 
_refine.correlation_coeff_Fo_to_Fc               ? 
_refine.correlation_coeff_Fo_to_Fc_free          ? 
_refine.pdbx_solvent_vdw_probe_radii             ? 
_refine.pdbx_solvent_ion_probe_radii             ? 
_refine.pdbx_solvent_shrinkage_radii             ? 
_refine.pdbx_overall_phase_error                 ? 
_refine.overall_SU_R_Cruickshank_DPI             ? 
_refine.pdbx_overall_SU_R_free_Cruickshank_DPI   ? 
_refine.pdbx_overall_SU_R_Blow_DPI               ? 
_refine.pdbx_overall_SU_R_free_Blow_DPI          ? 
# 
_refine_hist.pdbx_refine_id                   'X-RAY DIFFRACTION' 
_refine_hist.cycle_id                         LAST 
_refine_hist.pdbx_number_atoms_protein        0 
_refine_hist.pdbx_number_atoms_nucleic_acid   486 
_refine_hist.pdbx_number_atoms_ligand         31 
_refine_hist.number_atoms_solvent             74 
_refine_hist.number_atoms_total               591 
_refine_hist.d_res_high                       2.200 
_refine_hist.d_res_low                        . 
# 
_struct.entry_id                  1D86 
_struct.title                     
;STRUCTURAL CONSEQUENCES OF A CARCINOGENIC ALKYLATION LESION ON DNA: EFFECT OF O6-ETHYL-GUANINE ON THE MOLECULAR STRUCTURE OF D(CGC[E6G]AATTCGCG)-NETROPSIN COMPLEX
;
_struct.pdbx_model_details        ? 
_struct.pdbx_CASP_flag            ? 
_struct.pdbx_model_type_details   ? 
# 
_struct_keywords.entry_id        1D86 
_struct_keywords.pdbx_keywords   DNA 
_struct_keywords.text            'B-DNA, DOUBLE HELIX, COMPLEXED WITH DRUG, DNA' 
# 
loop_
_struct_asym.id 
_struct_asym.pdbx_blank_PDB_chainid_flag 
_struct_asym.pdbx_modified 
_struct_asym.entity_id 
_struct_asym.details 
A N N 1 ? 
B N N 1 ? 
C N N 2 ? 
D N N 3 ? 
E N N 3 ? 
# 
_struct_ref.id                         1 
_struct_ref.entity_id                  1 
_struct_ref.db_name                    PDB 
_struct_ref.db_code                    1D86 
_struct_ref.pdbx_db_accession          1D86 
_struct_ref.pdbx_db_isoform            ? 
_struct_ref.pdbx_seq_one_letter_code   ? 
_struct_ref.pdbx_align_begin           ? 
# 
loop_
_struct_ref_seq.align_id 
_struct_ref_seq.ref_id 
_struct_ref_seq.pdbx_PDB_id_code 
_struct_ref_seq.pdbx_strand_id 
_struct_ref_seq.seq_align_beg 
_struct_ref_seq.pdbx_seq_align_beg_ins_code 
_struct_ref_seq.seq_align_end 
_struct_ref_seq.pdbx_seq_align_end_ins_code 
_struct_ref_seq.pdbx_db_accession 
_struct_ref_seq.db_align_beg 
_struct_ref_seq.pdbx_db_align_beg_ins_code 
_struct_ref_seq.db_align_end 
_struct_ref_seq.pdbx_db_align_end_ins_code 
_struct_ref_seq.pdbx_auth_seq_align_beg 
_struct_ref_seq.pdbx_auth_seq_align_end 
1 1 1D86 A 1 ? 12 ? 1D86 1  ? 12 ? 1  12 
2 1 1D86 B 1 ? 12 ? 1D86 13 ? 24 ? 13 24 
# 
_pdbx_struct_assembly.id                   1 
_pdbx_struct_assembly.details              author_defined_assembly 
_pdbx_struct_assembly.method_details       ? 
_pdbx_struct_assembly.oligomeric_details   dimeric 
_pdbx_struct_assembly.oligomeric_count     2 
# 
_pdbx_struct_assembly_gen.assembly_id       1 
_pdbx_struct_assembly_gen.oper_expression   1 
_pdbx_struct_assembly_gen.asym_id_list      A,B,C,D,E 
# 
_pdbx_struct_oper_list.id                   1 
_pdbx_struct_oper_list.type                 'identity operation' 
_pdbx_struct_oper_list.name                 1_555 
_pdbx_struct_oper_list.symmetry_operation   x,y,z 
_pdbx_struct_oper_list.matrix[1][1]         1.0000000000 
_pdbx_struct_oper_list.matrix[1][2]         0.0000000000 
_pdbx_struct_oper_list.matrix[1][3]         0.0000000000 
_pdbx_struct_oper_list.vector[1]            0.0000000000 
_pdbx_struct_oper_list.matrix[2][1]         0.0000000000 
_pdbx_struct_oper_list.matrix[2][2]         1.0000000000 
_pdbx_struct_oper_list.matrix[2][3]         0.0000000000 
_pdbx_struct_oper_list.vector[2]            0.0000000000 
_pdbx_struct_oper_list.matrix[3][1]         0.0000000000 
_pdbx_struct_oper_list.matrix[3][2]         0.0000000000 
_pdbx_struct_oper_list.matrix[3][3]         1.0000000000 
_pdbx_struct_oper_list.vector[3]            0.0000000000 
# 
_struct_biol.id   1 
# 
loop_
_struct_conn.id 
_struct_conn.conn_type_id 
_struct_conn.pdbx_leaving_atom_flag 
_struct_conn.pdbx_PDB_id 
_struct_conn.ptnr1_label_asym_id 
_struct_conn.ptnr1_label_comp_id 
_struct_conn.ptnr1_label_seq_id 
_struct_conn.ptnr1_label_atom_id 
_struct_conn.pdbx_ptnr1_label_alt_id 
_struct_conn.pdbx_ptnr1_PDB_ins_code 
_struct_conn.pdbx_ptnr1_standard_comp_id 
_struct_conn.ptnr1_symmetry 
_struct_conn.ptnr2_label_asym_id 
_struct_conn.ptnr2_label_comp_id 
_struct_conn.ptnr2_label_seq_id 
_struct_conn.ptnr2_label_atom_id 
_struct_conn.pdbx_ptnr2_label_alt_id 
_struct_conn.pdbx_ptnr2_PDB_ins_code 
_struct_conn.ptnr1_auth_asym_id 
_struct_conn.ptnr1_auth_comp_id 
_struct_conn.ptnr1_auth_seq_id 
_struct_conn.ptnr2_auth_asym_id 
_struct_conn.ptnr2_auth_comp_id 
_struct_conn.ptnr2_auth_seq_id 
_struct_conn.ptnr2_symmetry 
_struct_conn.pdbx_ptnr3_label_atom_id 
_struct_conn.pdbx_ptnr3_label_seq_id 
_struct_conn.pdbx_ptnr3_label_comp_id 
_struct_conn.pdbx_ptnr3_label_asym_id 
_struct_conn.pdbx_ptnr3_label_alt_id 
_struct_conn.pdbx_ptnr3_PDB_ins_code 
_struct_conn.details 
_struct_conn.pdbx_dist_value 
_struct_conn.pdbx_value_order 
_struct_conn.pdbx_role 
hydrog1  hydrog ? ? A DC 1  N3 ? ? ? 1_555 B DG 12 N1 ? ? A DC 1  B DG 24 1_555 ? ? ? ? ? ? WATSON-CRICK ? ? ? 
hydrog2  hydrog ? ? A DC 1  N4 ? ? ? 1_555 B DG 12 O6 ? ? A DC 1  B DG 24 1_555 ? ? ? ? ? ? WATSON-CRICK ? ? ? 
hydrog3  hydrog ? ? A DC 1  O2 ? ? ? 1_555 B DG 12 N2 ? ? A DC 1  B DG 24 1_555 ? ? ? ? ? ? WATSON-CRICK ? ? ? 
hydrog4  hydrog ? ? A DG 2  N1 ? ? ? 1_555 B DC 11 N3 ? ? A DG 2  B DC 23 1_555 ? ? ? ? ? ? WATSON-CRICK ? ? ? 
hydrog5  hydrog ? ? A DG 2  N2 ? ? ? 1_555 B DC 11 O2 ? ? A DG 2  B DC 23 1_555 ? ? ? ? ? ? WATSON-CRICK ? ? ? 
hydrog6  hydrog ? ? A DG 2  O6 ? ? ? 1_555 B DC 11 N4 ? ? A DG 2  B DC 23 1_555 ? ? ? ? ? ? WATSON-CRICK ? ? ? 
hydrog7  hydrog ? ? A DC 3  N3 ? ? ? 1_555 B DG 10 N1 ? ? A DC 3  B DG 22 1_555 ? ? ? ? ? ? WATSON-CRICK ? ? ? 
hydrog8  hydrog ? ? A DC 3  N4 ? ? ? 1_555 B DG 10 O6 ? ? A DC 3  B DG 22 1_555 ? ? ? ? ? ? WATSON-CRICK ? ? ? 
hydrog9  hydrog ? ? A DC 3  O2 ? ? ? 1_555 B DG 10 N2 ? ? A DC 3  B DG 22 1_555 ? ? ? ? ? ? WATSON-CRICK ? ? ? 
hydrog10 hydrog ? ? A DG 4  N1 ? ? ? 1_555 B DC 9  N3 ? ? A DG 4  B DC 21 1_555 ? ? ? ? ? ? WATSON-CRICK ? ? ? 
hydrog11 hydrog ? ? A DG 4  N2 ? ? ? 1_555 B DC 9  O2 ? ? A DG 4  B DC 21 1_555 ? ? ? ? ? ? WATSON-CRICK ? ? ? 
hydrog12 hydrog ? ? A DG 4  O6 ? ? ? 1_555 B DC 9  N4 ? ? A DG 4  B DC 21 1_555 ? ? ? ? ? ? WATSON-CRICK ? ? ? 
hydrog13 hydrog ? ? A DA 5  N1 ? ? ? 1_555 B DT 8  N3 ? ? A DA 5  B DT 20 1_555 ? ? ? ? ? ? WATSON-CRICK ? ? ? 
hydrog14 hydrog ? ? A DA 5  N6 ? ? ? 1_555 B DT 8  O4 ? ? A DA 5  B DT 20 1_555 ? ? ? ? ? ? WATSON-CRICK ? ? ? 
hydrog15 hydrog ? ? A DA 6  N1 ? ? ? 1_555 B DT 7  N3 ? ? A DA 6  B DT 19 1_555 ? ? ? ? ? ? WATSON-CRICK ? ? ? 
hydrog16 hydrog ? ? A DA 6  N6 ? ? ? 1_555 B DT 7  O4 ? ? A DA 6  B DT 19 1_555 ? ? ? ? ? ? WATSON-CRICK ? ? ? 
hydrog17 hydrog ? ? A DT 7  N3 ? ? ? 1_555 B DA 6  N1 ? ? A DT 7  B DA 18 1_555 ? ? ? ? ? ? WATSON-CRICK ? ? ? 
hydrog18 hydrog ? ? A DT 7  O4 ? ? ? 1_555 B DA 6  N6 ? ? A DT 7  B DA 18 1_555 ? ? ? ? ? ? WATSON-CRICK ? ? ? 
hydrog19 hydrog ? ? A DT 8  N3 ? ? ? 1_555 B DA 5  N1 ? ? A DT 8  B DA 17 1_555 ? ? ? ? ? ? WATSON-CRICK ? ? ? 
hydrog20 hydrog ? ? A DT 8  O4 ? ? ? 1_555 B DA 5  N6 ? ? A DT 8  B DA 17 1_555 ? ? ? ? ? ? WATSON-CRICK ? ? ? 
hydrog21 hydrog ? ? A DC 9  N3 ? ? ? 1_555 B DG 4  N1 ? ? A DC 9  B DG 16 1_555 ? ? ? ? ? ? WATSON-CRICK ? ? ? 
hydrog22 hydrog ? ? A DC 9  N4 ? ? ? 1_555 B DG 4  O6 ? ? A DC 9  B DG 16 1_555 ? ? ? ? ? ? WATSON-CRICK ? ? ? 
hydrog23 hydrog ? ? A DC 9  O2 ? ? ? 1_555 B DG 4  N2 ? ? A DC 9  B DG 16 1_555 ? ? ? ? ? ? WATSON-CRICK ? ? ? 
hydrog24 hydrog ? ? A DG 10 N1 ? ? ? 1_555 B DC 3  N3 ? ? A DG 10 B DC 15 1_555 ? ? ? ? ? ? WATSON-CRICK ? ? ? 
hydrog25 hydrog ? ? A DG 10 N2 ? ? ? 1_555 B DC 3  O2 ? ? A DG 10 B DC 15 1_555 ? ? ? ? ? ? WATSON-CRICK ? ? ? 
hydrog26 hydrog ? ? A DG 10 O6 ? ? ? 1_555 B DC 3  N4 ? ? A DG 10 B DC 15 1_555 ? ? ? ? ? ? WATSON-CRICK ? ? ? 
hydrog27 hydrog ? ? A DC 11 N3 ? ? ? 1_555 B DG 2  N1 ? ? A DC 11 B DG 14 1_555 ? ? ? ? ? ? WATSON-CRICK ? ? ? 
hydrog28 hydrog ? ? A DC 11 N4 ? ? ? 1_555 B DG 2  O6 ? ? A DC 11 B DG 14 1_555 ? ? ? ? ? ? WATSON-CRICK ? ? ? 
hydrog29 hydrog ? ? A DC 11 O2 ? ? ? 1_555 B DG 2  N2 ? ? A DC 11 B DG 14 1_555 ? ? ? ? ? ? WATSON-CRICK ? ? ? 
hydrog30 hydrog ? ? A DG 12 N1 ? ? ? 1_555 B DC 1  N3 ? ? A DG 12 B DC 13 1_555 ? ? ? ? ? ? WATSON-CRICK ? ? ? 
hydrog31 hydrog ? ? A DG 12 N2 ? ? ? 1_555 B DC 1  O2 ? ? A DG 12 B DC 13 1_555 ? ? ? ? ? ? WATSON-CRICK ? ? ? 
hydrog32 hydrog ? ? A DG 12 O6 ? ? ? 1_555 B DC 1  N4 ? ? A DG 12 B DC 13 1_555 ? ? ? ? ? ? WATSON-CRICK ? ? ? 
# 
_struct_conn_type.id          hydrog 
_struct_conn_type.criteria    ? 
_struct_conn_type.reference   ? 
# 
loop_
_struct_site.id 
_struct_site.pdbx_evidence_code 
_struct_site.pdbx_auth_asym_id 
_struct_site.pdbx_auth_comp_id 
_struct_site.pdbx_auth_seq_id 
_struct_site.pdbx_auth_ins_code 
_struct_site.pdbx_num_residues 
_struct_site.details 
AC1 Software B NT 25 ? 13 'BINDING SITE FOR RESIDUE NT B 25' 
1   ?        ? ?  ?  ? ?  ?                                  
# 
loop_
_struct_site_gen.id 
_struct_site_gen.site_id 
_struct_site_gen.pdbx_num_res 
_struct_site_gen.label_comp_id 
_struct_site_gen.label_asym_id 
_struct_site_gen.label_seq_id 
_struct_site_gen.pdbx_auth_ins_code 
_struct_site_gen.auth_comp_id 
_struct_site_gen.auth_asym_id 
_struct_site_gen.auth_seq_id 
_struct_site_gen.label_atom_id 
_struct_site_gen.label_alt_id 
_struct_site_gen.symmetry 
_struct_site_gen.details 
1  AC1 13 DG  A 4  ? DG  A 4  . ? 1_555 ? 
2  AC1 13 DA  A 5  ? DA  A 5  . ? 1_555 ? 
3  AC1 13 DA  A 6  ? DA  A 6  . ? 1_555 ? 
4  AC1 13 DT  A 7  ? DT  A 7  . ? 1_555 ? 
5  AC1 13 DT  A 8  ? DT  A 8  . ? 1_555 ? 
6  AC1 13 DC  A 9  ? DC  A 9  . ? 1_555 ? 
7  AC1 13 DT  B 7  ? DT  B 19 . ? 1_555 ? 
8  AC1 13 DT  B 8  ? DT  B 20 . ? 1_555 ? 
9  AC1 13 DC  B 9  ? DC  B 21 . ? 1_555 ? 
10 AC1 13 DG  B 10 ? DG  B 22 . ? 1_555 ? 
11 AC1 13 HOH E .  ? HOH B 26 . ? 1_555 ? 
12 AC1 13 HOH E .  ? HOH B 83 . ? 1_555 ? 
13 AC1 13 HOH E .  ? HOH B 92 . ? 1_555 ? 
# 
_pdbx_validate_symm_contact.id                1 
_pdbx_validate_symm_contact.PDB_model_num     1 
_pdbx_validate_symm_contact.auth_atom_id_1    OP2 
_pdbx_validate_symm_contact.auth_asym_id_1    A 
_pdbx_validate_symm_contact.auth_comp_id_1    DC 
_pdbx_validate_symm_contact.auth_seq_id_1     11 
_pdbx_validate_symm_contact.PDB_ins_code_1    ? 
_pdbx_validate_symm_contact.label_alt_id_1    ? 
_pdbx_validate_symm_contact.site_symmetry_1   1_555 
_pdbx_validate_symm_contact.auth_atom_id_2    O 
_pdbx_validate_symm_contact.auth_asym_id_2    B 
_pdbx_validate_symm_contact.auth_comp_id_2    HOH 
_pdbx_validate_symm_contact.auth_seq_id_2     86 
_pdbx_validate_symm_contact.PDB_ins_code_2    ? 
_pdbx_validate_symm_contact.label_alt_id_2    ? 
_pdbx_validate_symm_contact.site_symmetry_2   4_465 
_pdbx_validate_symm_contact.dist              1.97 
# 
loop_
_pdbx_validate_rmsd_bond.id 
_pdbx_validate_rmsd_bond.PDB_model_num 
_pdbx_validate_rmsd_bond.auth_atom_id_1 
_pdbx_validate_rmsd_bond.auth_asym_id_1 
_pdbx_validate_rmsd_bond.auth_comp_id_1 
_pdbx_validate_rmsd_bond.auth_seq_id_1 
_pdbx_validate_rmsd_bond.PDB_ins_code_1 
_pdbx_validate_rmsd_bond.label_alt_id_1 
_pdbx_validate_rmsd_bond.auth_atom_id_2 
_pdbx_validate_rmsd_bond.auth_asym_id_2 
_pdbx_validate_rmsd_bond.auth_comp_id_2 
_pdbx_validate_rmsd_bond.auth_seq_id_2 
_pdbx_validate_rmsd_bond.PDB_ins_code_2 
_pdbx_validate_rmsd_bond.label_alt_id_2 
_pdbx_validate_rmsd_bond.bond_value 
_pdbx_validate_rmsd_bond.bond_target_value 
_pdbx_validate_rmsd_bond.bond_deviation 
_pdbx_validate_rmsd_bond.bond_standard_deviation 
_pdbx_validate_rmsd_bond.linker_flag 
1  1 P     A DG 2  ? ? "O5'" A DG 2  ? ? 1.653 1.593 0.060  0.010 N 
2  1 P     A DC 3  ? ? "O5'" A DC 3  ? ? 1.654 1.593 0.061  0.010 N 
3  1 "C5'" A DC 3  ? ? "C4'" A DC 3  ? ? 1.566 1.512 0.054  0.007 N 
4  1 C4    A DT 7  ? ? O4    A DT 7  ? ? 1.291 1.228 0.063  0.009 N 
5  1 "O4'" A DT 8  ? ? "C4'" A DT 8  ? ? 1.374 1.446 -0.072 0.010 N 
6  1 "O3'" A DT 8  ? ? "C3'" A DT 8  ? ? 1.357 1.419 -0.062 0.006 N 
7  1 C4    A DT 8  ? ? O4    A DT 8  ? ? 1.289 1.228 0.061  0.009 N 
8  1 "O4'" A DG 10 ? ? "C4'" A DG 10 ? ? 1.381 1.446 -0.065 0.010 N 
9  1 "O3'" A DC 11 ? ? P     A DG 12 ? ? 1.708 1.607 0.101  0.012 Y 
10 1 "C2'" B DG 14 ? ? "C1'" B DG 14 ? ? 1.448 1.518 -0.070 0.010 N 
11 1 "O4'" B DG 14 ? ? "C1'" B DG 14 ? ? 1.487 1.420 0.067  0.011 N 
12 1 "O4'" B DG 14 ? ? "C4'" B DG 14 ? ? 1.377 1.446 -0.069 0.010 N 
13 1 N1    B DA 17 ? ? C2    B DA 17 ? ? 1.393 1.339 0.054  0.009 N 
14 1 N1    B DC 21 ? ? C6    B DC 21 ? ? 1.330 1.367 -0.037 0.006 N 
15 1 "O3'" B DG 22 ? ? "C3'" B DG 22 ? ? 1.375 1.419 -0.044 0.006 N 
16 1 C6    B DG 24 ? ? N1    B DG 24 ? ? 1.345 1.391 -0.046 0.007 N 
# 
loop_
_pdbx_validate_rmsd_angle.id 
_pdbx_validate_rmsd_angle.PDB_model_num 
_pdbx_validate_rmsd_angle.auth_atom_id_1 
_pdbx_validate_rmsd_angle.auth_asym_id_1 
_pdbx_validate_rmsd_angle.auth_comp_id_1 
_pdbx_validate_rmsd_angle.auth_seq_id_1 
_pdbx_validate_rmsd_angle.PDB_ins_code_1 
_pdbx_validate_rmsd_angle.label_alt_id_1 
_pdbx_validate_rmsd_angle.auth_atom_id_2 
_pdbx_validate_rmsd_angle.auth_asym_id_2 
_pdbx_validate_rmsd_angle.auth_comp_id_2 
_pdbx_validate_rmsd_angle.auth_seq_id_2 
_pdbx_validate_rmsd_angle.PDB_ins_code_2 
_pdbx_validate_rmsd_angle.label_alt_id_2 
_pdbx_validate_rmsd_angle.auth_atom_id_3 
_pdbx_validate_rmsd_angle.auth_asym_id_3 
_pdbx_validate_rmsd_angle.auth_comp_id_3 
_pdbx_validate_rmsd_angle.auth_seq_id_3 
_pdbx_validate_rmsd_angle.PDB_ins_code_3 
_pdbx_validate_rmsd_angle.label_alt_id_3 
_pdbx_validate_rmsd_angle.angle_value 
_pdbx_validate_rmsd_angle.angle_target_value 
_pdbx_validate_rmsd_angle.angle_deviation 
_pdbx_validate_rmsd_angle.angle_standard_deviation 
_pdbx_validate_rmsd_angle.linker_flag 
1  1 "O4'" A DC 1  ? ? "C4'" A DC 1  ? ? "C3'" A DC 1  ? ? 97.04  104.50 -7.46  0.40 N 
2  1 "O4'" A DC 1  ? ? "C1'" A DC 1  ? ? N1    A DC 1  ? ? 110.78 108.30 2.48   0.30 N 
3  1 "O3'" A DC 1  ? ? P     A DG 2  ? ? OP1   A DG 2  ? ? 119.55 110.50 9.05   1.10 Y 
4  1 "O4'" A DG 2  ? ? "C1'" A DG 2  ? ? N9    A DG 2  ? ? 113.39 108.30 5.09   0.30 N 
5  1 "C3'" A DG 2  ? ? "O3'" A DG 2  ? ? P     A DC 3  ? ? 130.45 119.70 10.75  1.20 Y 
6  1 "O5'" A DC 3  ? ? "C5'" A DC 3  ? ? "C4'" A DC 3  ? ? 101.90 109.40 -7.50  0.80 N 
7  1 "O4'" A DC 3  ? ? "C1'" A DC 3  ? ? "C2'" A DC 3  ? ? 100.80 105.90 -5.10  0.80 N 
8  1 "O4'" A DC 3  ? ? "C1'" A DC 3  ? ? N1    A DC 3  ? ? 112.44 108.30 4.14   0.30 N 
9  1 "O4'" A DG 4  ? ? "C4'" A DG 4  ? ? "C3'" A DG 4  ? ? 100.53 104.50 -3.97  0.40 N 
10 1 "O4'" A DG 4  ? ? "C1'" A DG 4  ? ? N9    A DG 4  ? ? 112.84 108.30 4.54   0.30 N 
11 1 N1    A DG 4  ? ? C6    A DG 4  ? ? O6    A DG 4  ? ? 123.57 119.90 3.67   0.60 N 
12 1 C5    A DG 4  ? ? C6    A DG 4  ? ? O6    A DG 4  ? ? 122.59 128.60 -6.01  0.60 N 
13 1 "C3'" A DG 4  ? ? "O3'" A DG 4  ? ? P     A DA 5  ? ? 128.36 119.70 8.66   1.20 Y 
14 1 "O4'" A DA 5  ? ? "C1'" A DA 5  ? ? N9    A DA 5  ? ? 112.24 108.30 3.94   0.30 N 
15 1 N1    A DA 6  ? ? C2    A DA 6  ? ? N3    A DA 6  ? ? 124.24 129.30 -5.06  0.50 N 
16 1 "O5'" A DT 7  ? ? P     A DT 7  ? ? OP2   A DT 7  ? ? 118.47 110.70 7.77   1.20 N 
17 1 N1    A DT 7  ? ? C2    A DT 7  ? ? N3    A DT 7  ? ? 119.22 114.60 4.62   0.60 N 
18 1 C2    A DT 7  ? ? N3    A DT 7  ? ? C4    A DT 7  ? ? 121.14 127.20 -6.06  0.60 N 
19 1 N3    A DT 7  ? ? C4    A DT 7  ? ? C5    A DT 7  ? ? 120.48 115.20 5.28   0.60 N 
20 1 N3    A DT 7  ? ? C2    A DT 7  ? ? O2    A DT 7  ? ? 117.20 122.30 -5.10  0.60 N 
21 1 N3    A DT 7  ? ? C4    A DT 7  ? ? O4    A DT 7  ? ? 115.06 119.90 -4.84  0.60 N 
22 1 "O5'" A DT 8  ? ? "C5'" A DT 8  ? ? "C4'" A DT 8  ? ? 98.30  109.40 -11.10 0.80 N 
23 1 P     A DT 8  ? ? "O5'" A DT 8  ? ? "C5'" A DT 8  ? ? 108.96 120.90 -11.94 1.60 N 
24 1 "C4'" A DT 8  ? ? "C3'" A DT 8  ? ? "C2'" A DT 8  ? ? 96.66  102.20 -5.54  0.70 N 
25 1 "O4'" A DT 8  ? ? "C1'" A DT 8  ? ? N1    A DT 8  ? ? 112.40 108.30 4.10   0.30 N 
26 1 N1    A DT 8  ? ? C2    A DT 8  ? ? N3    A DT 8  ? ? 118.34 114.60 3.74   0.60 N 
27 1 C2    A DT 8  ? ? N3    A DT 8  ? ? C4    A DT 8  ? ? 122.15 127.20 -5.05  0.60 N 
28 1 N3    A DT 8  ? ? C4    A DT 8  ? ? C5    A DT 8  ? ? 119.72 115.20 4.52   0.60 N 
29 1 N3    A DT 8  ? ? C4    A DT 8  ? ? O4    A DT 8  ? ? 115.16 119.90 -4.74  0.60 N 
30 1 "C3'" A DT 8  ? ? "O3'" A DT 8  ? ? P     A DC 9  ? ? 132.51 119.70 12.81  1.20 Y 
31 1 "O5'" A DC 9  ? ? P     A DC 9  ? ? OP2   A DC 9  ? ? 118.96 110.70 8.26   1.20 N 
32 1 "C3'" A DC 9  ? ? "O3'" A DC 9  ? ? P     A DG 10 ? ? 127.88 119.70 8.18   1.20 Y 
33 1 C6    A DG 10 ? ? N1    A DG 10 ? ? C2    A DG 10 ? ? 120.74 125.10 -4.36  0.60 N 
34 1 N1    A DG 10 ? ? C6    A DG 10 ? ? O6    A DG 10 ? ? 115.31 119.90 -4.59  0.60 N 
35 1 "C3'" A DG 10 ? ? "O3'" A DG 10 ? ? P     A DC 11 ? ? 132.40 119.70 12.70  1.20 Y 
36 1 "O5'" A DC 11 ? ? "C5'" A DC 11 ? ? "C4'" A DC 11 ? ? 103.98 109.40 -5.42  0.80 N 
37 1 "O5'" A DG 12 ? ? P     A DG 12 ? ? OP2   A DG 12 ? ? 121.15 110.70 10.45  1.20 N 
38 1 P     A DG 12 ? ? "O5'" A DG 12 ? ? "C5'" A DG 12 ? ? 110.92 120.90 -9.98  1.60 N 
39 1 C5    A DG 12 ? ? C6    A DG 12 ? ? N1    A DG 12 ? ? 115.62 111.50 4.12   0.50 N 
40 1 "O4'" B DC 13 ? ? "C4'" B DC 13 ? ? "C3'" B DC 13 ? ? 100.85 104.50 -3.65  0.40 N 
41 1 "O4'" B DC 13 ? ? "C1'" B DC 13 ? ? N1    B DC 13 ? ? 114.50 108.30 6.20   0.30 N 
42 1 "O5'" B DC 15 ? ? P     B DC 15 ? ? OP2   B DC 15 ? ? 118.16 110.70 7.46   1.20 N 
43 1 "O5'" B DC 15 ? ? "C5'" B DC 15 ? ? "C4'" B DC 15 ? ? 99.34  109.40 -10.06 0.80 N 
44 1 P     B DC 15 ? ? "O5'" B DC 15 ? ? "C5'" B DC 15 ? ? 109.30 120.90 -11.60 1.60 N 
45 1 "O4'" B DG 16 ? ? "C1'" B DG 16 ? ? N9    B DG 16 ? ? 110.64 108.30 2.34   0.30 N 
46 1 C5    B DG 16 ? ? C6    B DG 16 ? ? N1    B DG 16 ? ? 115.69 111.50 4.19   0.50 N 
47 1 OP1   B DA 17 ? ? P     B DA 17 ? ? OP2   B DA 17 ? ? 107.85 119.60 -11.75 1.50 N 
48 1 "O4'" B DA 17 ? ? "C4'" B DA 17 ? ? "C3'" B DA 17 ? ? 100.28 104.50 -4.22  0.40 N 
49 1 "C4'" B DA 17 ? ? "C3'" B DA 17 ? ? "C2'" B DA 17 ? ? 97.70  102.20 -4.50  0.70 N 
50 1 "O4'" B DA 17 ? ? "C1'" B DA 17 ? ? N9    B DA 17 ? ? 114.81 108.30 6.51   0.30 N 
51 1 N1    B DA 17 ? ? C2    B DA 17 ? ? N3    B DA 17 ? ? 125.58 129.30 -3.72  0.50 N 
52 1 "C3'" B DA 17 ? ? "O3'" B DA 17 ? ? P     B DA 18 ? ? 133.77 119.70 14.07  1.20 Y 
53 1 "O5'" B DA 18 ? ? "C5'" B DA 18 ? ? "C4'" B DA 18 ? ? 97.96  109.40 -11.44 0.80 N 
54 1 "O4'" B DA 18 ? ? "C1'" B DA 18 ? ? "C2'" B DA 18 ? ? 99.65  105.90 -6.25  0.80 N 
55 1 C6    B DA 18 ? ? N1    B DA 18 ? ? C2    B DA 18 ? ? 123.03 118.60 4.43   0.60 N 
56 1 N1    B DA 18 ? ? C2    B DA 18 ? ? N3    B DA 18 ? ? 125.85 129.30 -3.45  0.50 N 
57 1 C5    B DA 18 ? ? C6    B DA 18 ? ? N1    B DA 18 ? ? 113.69 117.70 -4.01  0.50 N 
58 1 P     B DT 19 ? ? "O5'" B DT 19 ? ? "C5'" B DT 19 ? ? 107.12 120.90 -13.78 1.60 N 
59 1 "O4'" B DT 19 ? ? "C1'" B DT 19 ? ? N1    B DT 19 ? ? 112.45 108.30 4.15   0.30 N 
60 1 C2    B DT 19 ? ? N3    B DT 19 ? ? C4    B DT 19 ? ? 123.26 127.20 -3.94  0.60 N 
61 1 N3    B DT 19 ? ? C4    B DT 19 ? ? C5    B DT 19 ? ? 118.84 115.20 3.64   0.60 N 
62 1 "O4'" B DT 20 ? ? "C1'" B DT 20 ? ? N1    B DT 20 ? ? 115.45 108.30 7.15   0.30 N 
63 1 C2    B DT 20 ? ? N3    B DT 20 ? ? C4    B DT 20 ? ? 121.47 127.20 -5.73  0.60 N 
64 1 N3    B DT 20 ? ? C4    B DT 20 ? ? C5    B DT 20 ? ? 120.36 115.20 5.16   0.60 N 
65 1 C2    B DC 21 ? ? N3    B DC 21 ? ? C4    B DC 21 ? ? 123.27 119.90 3.37   0.50 N 
66 1 C5    B DC 21 ? ? C6    B DC 21 ? ? N1    B DC 21 ? ? 125.22 121.00 4.22   0.50 N 
67 1 "C3'" B DG 22 ? ? "C2'" B DG 22 ? ? "C1'" B DG 22 ? ? 95.43  102.40 -6.97  0.80 N 
68 1 "O4'" B DG 22 ? ? "C1'" B DG 22 ? ? N9    B DG 22 ? ? 117.68 108.30 9.38   0.30 N 
69 1 C5    B DG 22 ? ? C6    B DG 22 ? ? N1    B DG 22 ? ? 114.66 111.50 3.16   0.50 N 
70 1 N1    B DG 22 ? ? C2    B DG 22 ? ? N2    B DG 22 ? ? 108.16 116.20 -8.04  0.90 N 
71 1 N3    B DG 22 ? ? C2    B DG 22 ? ? N2    B DG 22 ? ? 124.35 119.90 4.45   0.70 N 
72 1 N1    B DG 22 ? ? C6    B DG 22 ? ? O6    B DG 22 ? ? 113.42 119.90 -6.48  0.60 N 
73 1 "O5'" B DC 23 ? ? "C5'" B DC 23 ? ? "C4'" B DC 23 ? ? 100.36 109.40 -9.04  0.80 N 
74 1 "O4'" B DC 23 ? ? "C1'" B DC 23 ? ? N1    B DC 23 ? ? 111.60 108.30 3.30   0.30 N 
75 1 "O5'" B DG 24 ? ? "C5'" B DG 24 ? ? "C4'" B DG 24 ? ? 101.77 109.40 -7.63  0.80 N 
76 1 "O4'" B DG 24 ? ? "C1'" B DG 24 ? ? N9    B DG 24 ? ? 102.94 108.00 -5.06  0.70 N 
77 1 C6    B DG 24 ? ? N1    B DG 24 ? ? C2    B DG 24 ? ? 120.95 125.10 -4.15  0.60 N 
78 1 N1    B DG 24 ? ? C2    B DG 24 ? ? N3    B DG 24 ? ? 127.77 123.90 3.87   0.60 N 
79 1 C5    B DG 24 ? ? C6    B DG 24 ? ? N1    B DG 24 ? ? 114.60 111.50 3.10   0.50 N 
80 1 N1    B DG 24 ? ? C6    B DG 24 ? ? O6    B DG 24 ? ? 123.74 119.90 3.84   0.60 N 
81 1 C5    B DG 24 ? ? C6    B DG 24 ? ? O6    B DG 24 ? ? 121.66 128.60 -6.94  0.60 N 
# 
_struct_site_keywords.site_id   1 
_struct_site_keywords.text      'MINOR GROOVE BINDER' 
# 
loop_
_refine_B_iso.class 
_refine_B_iso.details 
_refine_B_iso.treatment 
_refine_B_iso.pdbx_refine_id 
'ALL ATOMS'  TR isotropic 'X-RAY DIFFRACTION' 
'ALL WATERS' TR isotropic 'X-RAY DIFFRACTION' 
# 
loop_
_refine_occupancy.class 
_refine_occupancy.treatment 
_refine_occupancy.pdbx_refine_id 
'ALL ATOMS'  fix 'X-RAY DIFFRACTION' 
'ALL WATERS' fix 'X-RAY DIFFRACTION' 
# 
loop_
_chem_comp_atom.comp_id 
_chem_comp_atom.atom_id 
_chem_comp_atom.type_symbol 
_chem_comp_atom.pdbx_aromatic_flag 
_chem_comp_atom.pdbx_stereo_config 
_chem_comp_atom.pdbx_ordinal 
DA  OP3    O N N 1   
DA  P      P N N 2   
DA  OP1    O N N 3   
DA  OP2    O N N 4   
DA  "O5'"  O N N 5   
DA  "C5'"  C N N 6   
DA  "C4'"  C N R 7   
DA  "O4'"  O N N 8   
DA  "C3'"  C N S 9   
DA  "O3'"  O N N 10  
DA  "C2'"  C N N 11  
DA  "C1'"  C N R 12  
DA  N9     N Y N 13  
DA  C8     C Y N 14  
DA  N7     N Y N 15  
DA  C5     C Y N 16  
DA  C6     C Y N 17  
DA  N6     N N N 18  
DA  N1     N Y N 19  
DA  C2     C Y N 20  
DA  N3     N Y N 21  
DA  C4     C Y N 22  
DA  HOP3   H N N 23  
DA  HOP2   H N N 24  
DA  "H5'"  H N N 25  
DA  "H5''" H N N 26  
DA  "H4'"  H N N 27  
DA  "H3'"  H N N 28  
DA  "HO3'" H N N 29  
DA  "H2'"  H N N 30  
DA  "H2''" H N N 31  
DA  "H1'"  H N N 32  
DA  H8     H N N 33  
DA  H61    H N N 34  
DA  H62    H N N 35  
DA  H2     H N N 36  
DC  OP3    O N N 37  
DC  P      P N N 38  
DC  OP1    O N N 39  
DC  OP2    O N N 40  
DC  "O5'"  O N N 41  
DC  "C5'"  C N N 42  
DC  "C4'"  C N R 43  
DC  "O4'"  O N N 44  
DC  "C3'"  C N S 45  
DC  "O3'"  O N N 46  
DC  "C2'"  C N N 47  
DC  "C1'"  C N R 48  
DC  N1     N N N 49  
DC  C2     C N N 50  
DC  O2     O N N 51  
DC  N3     N N N 52  
DC  C4     C N N 53  
DC  N4     N N N 54  
DC  C5     C N N 55  
DC  C6     C N N 56  
DC  HOP3   H N N 57  
DC  HOP2   H N N 58  
DC  "H5'"  H N N 59  
DC  "H5''" H N N 60  
DC  "H4'"  H N N 61  
DC  "H3'"  H N N 62  
DC  "HO3'" H N N 63  
DC  "H2'"  H N N 64  
DC  "H2''" H N N 65  
DC  "H1'"  H N N 66  
DC  H41    H N N 67  
DC  H42    H N N 68  
DC  H5     H N N 69  
DC  H6     H N N 70  
DG  OP3    O N N 71  
DG  P      P N N 72  
DG  OP1    O N N 73  
DG  OP2    O N N 74  
DG  "O5'"  O N N 75  
DG  "C5'"  C N N 76  
DG  "C4'"  C N R 77  
DG  "O4'"  O N N 78  
DG  "C3'"  C N S 79  
DG  "O3'"  O N N 80  
DG  "C2'"  C N N 81  
DG  "C1'"  C N R 82  
DG  N9     N Y N 83  
DG  C8     C Y N 84  
DG  N7     N Y N 85  
DG  C5     C Y N 86  
DG  C6     C N N 87  
DG  O6     O N N 88  
DG  N1     N N N 89  
DG  C2     C N N 90  
DG  N2     N N N 91  
DG  N3     N N N 92  
DG  C4     C Y N 93  
DG  HOP3   H N N 94  
DG  HOP2   H N N 95  
DG  "H5'"  H N N 96  
DG  "H5''" H N N 97  
DG  "H4'"  H N N 98  
DG  "H3'"  H N N 99  
DG  "HO3'" H N N 100 
DG  "H2'"  H N N 101 
DG  "H2''" H N N 102 
DG  "H1'"  H N N 103 
DG  H8     H N N 104 
DG  H1     H N N 105 
DG  H21    H N N 106 
DG  H22    H N N 107 
DT  OP3    O N N 108 
DT  P      P N N 109 
DT  OP1    O N N 110 
DT  OP2    O N N 111 
DT  "O5'"  O N N 112 
DT  "C5'"  C N N 113 
DT  "C4'"  C N R 114 
DT  "O4'"  O N N 115 
DT  "C3'"  C N S 116 
DT  "O3'"  O N N 117 
DT  "C2'"  C N N 118 
DT  "C1'"  C N R 119 
DT  N1     N N N 120 
DT  C2     C N N 121 
DT  O2     O N N 122 
DT  N3     N N N 123 
DT  C4     C N N 124 
DT  O4     O N N 125 
DT  C5     C N N 126 
DT  C7     C N N 127 
DT  C6     C N N 128 
DT  HOP3   H N N 129 
DT  HOP2   H N N 130 
DT  "H5'"  H N N 131 
DT  "H5''" H N N 132 
DT  "H4'"  H N N 133 
DT  "H3'"  H N N 134 
DT  "HO3'" H N N 135 
DT  "H2'"  H N N 136 
DT  "H2''" H N N 137 
DT  "H1'"  H N N 138 
DT  H3     H N N 139 
DT  H71    H N N 140 
DT  H72    H N N 141 
DT  H73    H N N 142 
DT  H6     H N N 143 
HOH O      O N N 144 
HOH H1     H N N 145 
HOH H2     H N N 146 
NT  C1     C N N 147 
NT  N1     N N N 148 
NT  N2     N N N 149 
NT  N3     N N N 150 
NT  C2     C N N 151 
NT  C3     C N N 152 
NT  O1     O N N 153 
NT  N4     N N N 154 
NT  C4     C Y N 155 
NT  C5     C Y N 156 
NT  C6     C Y N 157 
NT  N5     N Y N 158 
NT  C8     C N N 159 
NT  C7     C Y N 160 
NT  C9     C N N 161 
NT  O2     O N N 162 
NT  N6     N N N 163 
NT  C10    C Y N 164 
NT  C11    C Y N 165 
NT  C12    C Y N 166 
NT  N7     N Y N 167 
NT  C14    C N N 168 
NT  C13    C Y N 169 
NT  C15    C N N 170 
NT  O3     O N N 171 
NT  N8     N N N 172 
NT  C16    C N N 173 
NT  C17    C N N 174 
NT  C18    C N N 175 
NT  N9     N N N 176 
NT  N10    N N N 177 
NT  HN1    H N N 178 
NT  HN21   H N N 179 
NT  HN22   H N N 180 
NT  HN3    H N N 181 
NT  H21    H N N 182 
NT  H22    H N N 183 
NT  HN4    H N N 184 
NT  H5     H N N 185 
NT  H81    H N N 186 
NT  H82    H N N 187 
NT  H83    H N N 188 
NT  H7     H N N 189 
NT  HN6    H N N 190 
NT  H11    H N N 191 
NT  H141   H N N 192 
NT  H142   H N N 193 
NT  H143   H N N 194 
NT  H13    H N N 195 
NT  HN8    H N N 196 
NT  H161   H N N 197 
NT  H162   H N N 198 
NT  H171   H N N 199 
NT  H172   H N N 200 
NT  HN9    H N N 201 
NT  HN01   H N N 202 
NT  HN02   H N N 203 
# 
loop_
_chem_comp_bond.comp_id 
_chem_comp_bond.atom_id_1 
_chem_comp_bond.atom_id_2 
_chem_comp_bond.value_order 
_chem_comp_bond.pdbx_aromatic_flag 
_chem_comp_bond.pdbx_stereo_config 
_chem_comp_bond.pdbx_ordinal 
DA  OP3   P      sing N N 1   
DA  OP3   HOP3   sing N N 2   
DA  P     OP1    doub N N 3   
DA  P     OP2    sing N N 4   
DA  P     "O5'"  sing N N 5   
DA  OP2   HOP2   sing N N 6   
DA  "O5'" "C5'"  sing N N 7   
DA  "C5'" "C4'"  sing N N 8   
DA  "C5'" "H5'"  sing N N 9   
DA  "C5'" "H5''" sing N N 10  
DA  "C4'" "O4'"  sing N N 11  
DA  "C4'" "C3'"  sing N N 12  
DA  "C4'" "H4'"  sing N N 13  
DA  "O4'" "C1'"  sing N N 14  
DA  "C3'" "O3'"  sing N N 15  
DA  "C3'" "C2'"  sing N N 16  
DA  "C3'" "H3'"  sing N N 17  
DA  "O3'" "HO3'" sing N N 18  
DA  "C2'" "C1'"  sing N N 19  
DA  "C2'" "H2'"  sing N N 20  
DA  "C2'" "H2''" sing N N 21  
DA  "C1'" N9     sing N N 22  
DA  "C1'" "H1'"  sing N N 23  
DA  N9    C8     sing Y N 24  
DA  N9    C4     sing Y N 25  
DA  C8    N7     doub Y N 26  
DA  C8    H8     sing N N 27  
DA  N7    C5     sing Y N 28  
DA  C5    C6     sing Y N 29  
DA  C5    C4     doub Y N 30  
DA  C6    N6     sing N N 31  
DA  C6    N1     doub Y N 32  
DA  N6    H61    sing N N 33  
DA  N6    H62    sing N N 34  
DA  N1    C2     sing Y N 35  
DA  C2    N3     doub Y N 36  
DA  C2    H2     sing N N 37  
DA  N3    C4     sing Y N 38  
DC  OP3   P      sing N N 39  
DC  OP3   HOP3   sing N N 40  
DC  P     OP1    doub N N 41  
DC  P     OP2    sing N N 42  
DC  P     "O5'"  sing N N 43  
DC  OP2   HOP2   sing N N 44  
DC  "O5'" "C5'"  sing N N 45  
DC  "C5'" "C4'"  sing N N 46  
DC  "C5'" "H5'"  sing N N 47  
DC  "C5'" "H5''" sing N N 48  
DC  "C4'" "O4'"  sing N N 49  
DC  "C4'" "C3'"  sing N N 50  
DC  "C4'" "H4'"  sing N N 51  
DC  "O4'" "C1'"  sing N N 52  
DC  "C3'" "O3'"  sing N N 53  
DC  "C3'" "C2'"  sing N N 54  
DC  "C3'" "H3'"  sing N N 55  
DC  "O3'" "HO3'" sing N N 56  
DC  "C2'" "C1'"  sing N N 57  
DC  "C2'" "H2'"  sing N N 58  
DC  "C2'" "H2''" sing N N 59  
DC  "C1'" N1     sing N N 60  
DC  "C1'" "H1'"  sing N N 61  
DC  N1    C2     sing N N 62  
DC  N1    C6     sing N N 63  
DC  C2    O2     doub N N 64  
DC  C2    N3     sing N N 65  
DC  N3    C4     doub N N 66  
DC  C4    N4     sing N N 67  
DC  C4    C5     sing N N 68  
DC  N4    H41    sing N N 69  
DC  N4    H42    sing N N 70  
DC  C5    C6     doub N N 71  
DC  C5    H5     sing N N 72  
DC  C6    H6     sing N N 73  
DG  OP3   P      sing N N 74  
DG  OP3   HOP3   sing N N 75  
DG  P     OP1    doub N N 76  
DG  P     OP2    sing N N 77  
DG  P     "O5'"  sing N N 78  
DG  OP2   HOP2   sing N N 79  
DG  "O5'" "C5'"  sing N N 80  
DG  "C5'" "C4'"  sing N N 81  
DG  "C5'" "H5'"  sing N N 82  
DG  "C5'" "H5''" sing N N 83  
DG  "C4'" "O4'"  sing N N 84  
DG  "C4'" "C3'"  sing N N 85  
DG  "C4'" "H4'"  sing N N 86  
DG  "O4'" "C1'"  sing N N 87  
DG  "C3'" "O3'"  sing N N 88  
DG  "C3'" "C2'"  sing N N 89  
DG  "C3'" "H3'"  sing N N 90  
DG  "O3'" "HO3'" sing N N 91  
DG  "C2'" "C1'"  sing N N 92  
DG  "C2'" "H2'"  sing N N 93  
DG  "C2'" "H2''" sing N N 94  
DG  "C1'" N9     sing N N 95  
DG  "C1'" "H1'"  sing N N 96  
DG  N9    C8     sing Y N 97  
DG  N9    C4     sing Y N 98  
DG  C8    N7     doub Y N 99  
DG  C8    H8     sing N N 100 
DG  N7    C5     sing Y N 101 
DG  C5    C6     sing N N 102 
DG  C5    C4     doub Y N 103 
DG  C6    O6     doub N N 104 
DG  C6    N1     sing N N 105 
DG  N1    C2     sing N N 106 
DG  N1    H1     sing N N 107 
DG  C2    N2     sing N N 108 
DG  C2    N3     doub N N 109 
DG  N2    H21    sing N N 110 
DG  N2    H22    sing N N 111 
DG  N3    C4     sing N N 112 
DT  OP3   P      sing N N 113 
DT  OP3   HOP3   sing N N 114 
DT  P     OP1    doub N N 115 
DT  P     OP2    sing N N 116 
DT  P     "O5'"  sing N N 117 
DT  OP2   HOP2   sing N N 118 
DT  "O5'" "C5'"  sing N N 119 
DT  "C5'" "C4'"  sing N N 120 
DT  "C5'" "H5'"  sing N N 121 
DT  "C5'" "H5''" sing N N 122 
DT  "C4'" "O4'"  sing N N 123 
DT  "C4'" "C3'"  sing N N 124 
DT  "C4'" "H4'"  sing N N 125 
DT  "O4'" "C1'"  sing N N 126 
DT  "C3'" "O3'"  sing N N 127 
DT  "C3'" "C2'"  sing N N 128 
DT  "C3'" "H3'"  sing N N 129 
DT  "O3'" "HO3'" sing N N 130 
DT  "C2'" "C1'"  sing N N 131 
DT  "C2'" "H2'"  sing N N 132 
DT  "C2'" "H2''" sing N N 133 
DT  "C1'" N1     sing N N 134 
DT  "C1'" "H1'"  sing N N 135 
DT  N1    C2     sing N N 136 
DT  N1    C6     sing N N 137 
DT  C2    O2     doub N N 138 
DT  C2    N3     sing N N 139 
DT  N3    C4     sing N N 140 
DT  N3    H3     sing N N 141 
DT  C4    O4     doub N N 142 
DT  C4    C5     sing N N 143 
DT  C5    C7     sing N N 144 
DT  C5    C6     doub N N 145 
DT  C7    H71    sing N N 146 
DT  C7    H72    sing N N 147 
DT  C7    H73    sing N N 148 
DT  C6    H6     sing N N 149 
HOH O     H1     sing N N 150 
HOH O     H2     sing N N 151 
NT  C1    N1     doub N N 152 
NT  C1    N2     sing N N 153 
NT  C1    N3     sing N N 154 
NT  N1    HN1    sing N N 155 
NT  N2    HN21   sing N N 156 
NT  N2    HN22   sing N N 157 
NT  N3    C2     sing N N 158 
NT  N3    HN3    sing N N 159 
NT  C2    C3     sing N N 160 
NT  C2    H21    sing N N 161 
NT  C2    H22    sing N N 162 
NT  C3    O1     doub N N 163 
NT  C3    N4     sing N N 164 
NT  N4    C4     sing N N 165 
NT  N4    HN4    sing N N 166 
NT  C4    C5     sing Y N 167 
NT  C4    C7     doub Y N 168 
NT  C5    C6     doub Y N 169 
NT  C5    H5     sing N N 170 
NT  C6    N5     sing Y N 171 
NT  C6    C9     sing N N 172 
NT  N5    C8     sing N N 173 
NT  N5    C7     sing Y N 174 
NT  C8    H81    sing N N 175 
NT  C8    H82    sing N N 176 
NT  C8    H83    sing N N 177 
NT  C7    H7     sing N N 178 
NT  C9    O2     doub N N 179 
NT  C9    N6     sing N N 180 
NT  N6    C10    sing N N 181 
NT  N6    HN6    sing N N 182 
NT  C10   C11    sing Y N 183 
NT  C10   C13    doub Y N 184 
NT  C11   C12    doub Y N 185 
NT  C11   H11    sing N N 186 
NT  C12   N7     sing Y N 187 
NT  C12   C15    sing N N 188 
NT  N7    C14    sing N N 189 
NT  N7    C13    sing Y N 190 
NT  C14   H141   sing N N 191 
NT  C14   H142   sing N N 192 
NT  C14   H143   sing N N 193 
NT  C13   H13    sing N N 194 
NT  C15   O3     doub N N 195 
NT  C15   N8     sing N N 196 
NT  N8    C16    sing N N 197 
NT  N8    HN8    sing N N 198 
NT  C16   C17    sing N N 199 
NT  C16   H161   sing N N 200 
NT  C16   H162   sing N N 201 
NT  C17   C18    sing N N 202 
NT  C17   H171   sing N N 203 
NT  C17   H172   sing N N 204 
NT  C18   N9     doub N N 205 
NT  C18   N10    sing N N 206 
NT  N9    HN9    sing N N 207 
NT  N10   HN01   sing N N 208 
NT  N10   HN02   sing N N 209 
# 
_ndb_struct_conf_na.entry_id   1D86 
_ndb_struct_conf_na.feature    'b-form double helix' 
# 
loop_
_ndb_struct_na_base_pair.model_number 
_ndb_struct_na_base_pair.i_label_asym_id 
_ndb_struct_na_base_pair.i_label_comp_id 
_ndb_struct_na_base_pair.i_label_seq_id 
_ndb_struct_na_base_pair.i_symmetry 
_ndb_struct_na_base_pair.j_label_asym_id 
_ndb_struct_na_base_pair.j_label_comp_id 
_ndb_struct_na_base_pair.j_label_seq_id 
_ndb_struct_na_base_pair.j_symmetry 
_ndb_struct_na_base_pair.shear 
_ndb_struct_na_base_pair.stretch 
_ndb_struct_na_base_pair.stagger 
_ndb_struct_na_base_pair.buckle 
_ndb_struct_na_base_pair.propeller 
_ndb_struct_na_base_pair.opening 
_ndb_struct_na_base_pair.pair_number 
_ndb_struct_na_base_pair.pair_name 
_ndb_struct_na_base_pair.i_auth_asym_id 
_ndb_struct_na_base_pair.i_auth_seq_id 
_ndb_struct_na_base_pair.i_PDB_ins_code 
_ndb_struct_na_base_pair.j_auth_asym_id 
_ndb_struct_na_base_pair.j_auth_seq_id 
_ndb_struct_na_base_pair.j_PDB_ins_code 
_ndb_struct_na_base_pair.hbond_type_28 
_ndb_struct_na_base_pair.hbond_type_12 
1 A DC 1  1_555 B DG 12 1_555 0.129  -0.209 0.107  3.200   -3.055  -1.711 1  A_DC1:DG24_B  A 1  ? B 24 ? 19 1 
1 A DG 2  1_555 B DC 11 1_555 -0.008 -0.250 0.182  -10.353 -16.042 -2.732 2  A_DG2:DC23_B  A 2  ? B 23 ? 19 1 
1 A DC 3  1_555 B DG 10 1_555 -0.303 -0.078 0.105  -3.352  -5.706  -4.987 3  A_DC3:DG22_B  A 3  ? B 22 ? 19 1 
1 A DG 4  1_555 B DC 9  1_555 -0.168 -0.390 -0.425 4.922   -8.675  -4.585 4  A_DG4:DC21_B  A 4  ? B 21 ? 19 1 
1 A DA 5  1_555 B DT 8  1_555 0.410  -0.081 -0.073 9.705   -19.499 0.940  5  A_DA5:DT20_B  A 5  ? B 20 ? 20 1 
1 A DA 6  1_555 B DT 7  1_555 0.251  -0.089 -0.024 -0.281  -21.576 -0.034 6  A_DA6:DT19_B  A 6  ? B 19 ? 20 1 
1 A DT 7  1_555 B DA 6  1_555 -0.188 -0.253 0.034  0.360   -16.850 2.650  7  A_DT7:DA18_B  A 7  ? B 18 ? 20 1 
1 A DT 8  1_555 B DA 5  1_555 0.234  -0.087 -0.402 -7.500  -16.911 1.132  8  A_DT8:DA17_B  A 8  ? B 17 ? 20 1 
1 A DC 9  1_555 B DG 4  1_555 0.054  -0.217 -0.272 -0.720  -7.261  -0.894 9  A_DC9:DG16_B  A 9  ? B 16 ? 19 1 
1 A DG 10 1_555 B DC 3  1_555 0.030  -0.104 0.353  3.849   -5.990  3.571  10 A_DG10:DC15_B A 10 ? B 15 ? 19 1 
1 A DC 11 1_555 B DG 2  1_555 0.365  -0.157 0.270  2.787   -16.330 -2.506 11 A_DC11:DG14_B A 11 ? B 14 ? 19 1 
1 A DG 12 1_555 B DC 1  1_555 0.012  -0.129 -0.210 -5.474  0.018   -4.357 12 A_DG12:DC13_B A 12 ? B 13 ? 19 1 
# 
loop_
_ndb_struct_na_base_pair_step.model_number 
_ndb_struct_na_base_pair_step.i_label_asym_id_1 
_ndb_struct_na_base_pair_step.i_label_comp_id_1 
_ndb_struct_na_base_pair_step.i_label_seq_id_1 
_ndb_struct_na_base_pair_step.i_symmetry_1 
_ndb_struct_na_base_pair_step.j_label_asym_id_1 
_ndb_struct_na_base_pair_step.j_label_comp_id_1 
_ndb_struct_na_base_pair_step.j_label_seq_id_1 
_ndb_struct_na_base_pair_step.j_symmetry_1 
_ndb_struct_na_base_pair_step.i_label_asym_id_2 
_ndb_struct_na_base_pair_step.i_label_comp_id_2 
_ndb_struct_na_base_pair_step.i_label_seq_id_2 
_ndb_struct_na_base_pair_step.i_symmetry_2 
_ndb_struct_na_base_pair_step.j_label_asym_id_2 
_ndb_struct_na_base_pair_step.j_label_comp_id_2 
_ndb_struct_na_base_pair_step.j_label_seq_id_2 
_ndb_struct_na_base_pair_step.j_symmetry_2 
_ndb_struct_na_base_pair_step.shift 
_ndb_struct_na_base_pair_step.slide 
_ndb_struct_na_base_pair_step.rise 
_ndb_struct_na_base_pair_step.tilt 
_ndb_struct_na_base_pair_step.roll 
_ndb_struct_na_base_pair_step.twist 
_ndb_struct_na_base_pair_step.x_displacement 
_ndb_struct_na_base_pair_step.y_displacement 
_ndb_struct_na_base_pair_step.helical_rise 
_ndb_struct_na_base_pair_step.inclination 
_ndb_struct_na_base_pair_step.tip 
_ndb_struct_na_base_pair_step.helical_twist 
_ndb_struct_na_base_pair_step.step_number 
_ndb_struct_na_base_pair_step.step_name 
_ndb_struct_na_base_pair_step.i_auth_asym_id_1 
_ndb_struct_na_base_pair_step.i_auth_seq_id_1 
_ndb_struct_na_base_pair_step.i_PDB_ins_code_1 
_ndb_struct_na_base_pair_step.j_auth_asym_id_1 
_ndb_struct_na_base_pair_step.j_auth_seq_id_1 
_ndb_struct_na_base_pair_step.j_PDB_ins_code_1 
_ndb_struct_na_base_pair_step.i_auth_asym_id_2 
_ndb_struct_na_base_pair_step.i_auth_seq_id_2 
_ndb_struct_na_base_pair_step.i_PDB_ins_code_2 
_ndb_struct_na_base_pair_step.j_auth_asym_id_2 
_ndb_struct_na_base_pair_step.j_auth_seq_id_2 
_ndb_struct_na_base_pair_step.j_PDB_ins_code_2 
1 A DC 1  1_555 B DG 12 1_555 A DG 2  1_555 B DC 11 1_555 -0.252 0.114  3.735 -2.496 3.402  35.729 -0.371 0.001  3.739 5.521   
4.050   35.970 1  AA_DC1DG2:DC23DG24_BB   A 1  ? B 24 ? A 2  ? B 23 ? 
1 A DG 2  1_555 B DC 11 1_555 A DC 3  1_555 B DG 10 1_555 -0.022 0.286  3.346 1.713  -8.183 36.565 1.534  0.262  3.206 -12.837 
-2.688  37.476 2  AA_DG2DC3:DG22DC23_BB   A 2  ? B 23 ? A 3  ? B 22 ? 
1 A DC 3  1_555 B DG 10 1_555 A DG 4  1_555 B DC 9  1_555 -0.467 0.663  3.334 5.231  10.021 31.626 -0.566 1.705  3.271 17.694  
-9.237  33.537 3  AA_DC3DG4:DC21DG22_BB   A 3  ? B 22 ? A 4  ? B 21 ? 
1 A DG 4  1_555 B DC 9  1_555 A DA 5  1_555 B DT 8  1_555 0.190  -0.203 3.186 -3.654 4.644  35.763 -0.957 -0.802 3.102 7.499   
5.901   36.232 4  AA_DG4DA5:DT20DC21_BB   A 4  ? B 21 ? A 5  ? B 20 ? 
1 A DA 5  1_555 B DT 8  1_555 A DA 6  1_555 B DT 7  1_555 -0.076 -0.270 3.421 -2.506 5.901  35.412 -1.311 -0.248 3.332 9.604   
4.078   35.969 5  AA_DA5DA6:DT19DT20_BB   A 5  ? B 20 ? A 6  ? B 19 ? 
1 A DA 6  1_555 B DT 7  1_555 A DT 7  1_555 B DA 6  1_555 0.257  -0.315 3.280 -0.999 -2.514 36.070 -0.152 -0.556 3.286 -4.053  
1.611   36.168 6  AA_DA6DT7:DA18DT19_BB   A 6  ? B 19 ? A 7  ? B 18 ? 
1 A DT 7  1_555 B DA 6  1_555 A DT 8  1_555 B DA 5  1_555 -0.193 -0.096 3.501 4.578  3.235  35.681 -0.642 1.002  3.429 5.240   
-7.415  36.104 7  AA_DT7DT8:DA17DA18_BB   A 7  ? B 18 ? A 8  ? B 17 ? 
1 A DT 8  1_555 B DA 5  1_555 A DC 9  1_555 B DG 4  1_555 0.143  0.189  3.016 -0.255 -0.126 36.978 0.313  -0.257 3.014 -0.199  
0.403   36.979 8  AA_DT8DC9:DG16DA17_BB   A 8  ? B 17 ? A 9  ? B 16 ? 
1 A DC 9  1_555 B DG 4  1_555 A DG 10 1_555 B DC 3  1_555 0.512  1.578  3.434 -3.877 2.755  34.372 2.199  -1.490 3.470 4.634   
6.522   34.690 9  AA_DC9DG10:DC15DG16_BB  A 9  ? B 16 ? A 10 ? B 15 ? 
1 A DG 10 1_555 B DC 3  1_555 A DC 11 1_555 B DG 2  1_555 -0.909 0.465  3.649 -3.328 -8.389 39.390 1.726  0.899  3.543 -12.251 
4.861   40.371 10 AA_DG10DC11:DG14DC15_BB A 10 ? B 15 ? A 11 ? B 14 ? 
1 A DC 11 1_555 B DG 2  1_555 A DG 12 1_555 B DC 1  1_555 0.163  0.666  3.654 6.966  2.616  35.703 0.655  0.831  3.658 4.211   
-11.212 36.445 11 AA_DC11DG12:DC13DG14_BB A 11 ? B 14 ? A 12 ? B 13 ? 
# 
_atom_sites.entry_id                    1D86 
_atom_sites.fract_transf_matrix[1][1]   -0.00733090 
_atom_sites.fract_transf_matrix[1][2]   -0.03642541 
_atom_sites.fract_transf_matrix[1][3]   0.01456625 
_atom_sites.fract_transf_matrix[2][1]   -0.02405366 
_atom_sites.fract_transf_matrix[2][2]   0.00359267 
_atom_sites.fract_transf_matrix[2][3]   -0.00312164 
_atom_sites.fract_transf_matrix[3][1]   0.00095622 
_atom_sites.fract_transf_matrix[3][2]   -0.00581529 
_atom_sites.fract_transf_matrix[3][3]   -0.01406089 
_atom_sites.fract_transf_vector[1]      0.570535 
_atom_sites.fract_transf_vector[2]      0.515773 
_atom_sites.fract_transf_vector[3]      0.131367 
# 
loop_
_atom_type.symbol 
C 
N 
O 
P 
# 
loop_
_atom_site.group_PDB 
_atom_site.id 
_atom_site.type_symbol 
_atom_site.label_atom_id 
_atom_site.label_alt_id 
_atom_site.label_comp_id 
_atom_site.label_asym_id 
_atom_site.label_entity_id 
_atom_site.label_seq_id 
_atom_site.pdbx_PDB_ins_code 
_atom_site.Cartn_x 
_atom_site.Cartn_y 
_atom_site.Cartn_z 
_atom_site.occupancy 
_atom_site.B_iso_or_equiv 
_atom_site.pdbx_formal_charge 
_atom_site.auth_seq_id 
_atom_site.auth_comp_id 
_atom_site.auth_asym_id 
_atom_site.auth_atom_id 
_atom_site.pdbx_PDB_model_num 
ATOM   1   O "O5'" . DC  A 1 1  ? -11.161 -9.262  -16.225 1.00 11.63 ? 1  DC  A "O5'" 1 
ATOM   2   C "C5'" . DC  A 1 1  ? -11.830 -8.790  -15.015 1.00 11.87 ? 1  DC  A "C5'" 1 
ATOM   3   C "C4'" . DC  A 1 1  ? -11.682 -9.810  -13.922 1.00 11.60 ? 1  DC  A "C4'" 1 
ATOM   4   O "O4'" . DC  A 1 1  ? -10.305 -10.236 -13.815 1.00 11.32 ? 1  DC  A "O4'" 1 
ATOM   5   C "C3'" . DC  A 1 1  ? -11.865 -9.400  -12.461 1.00 11.59 ? 1  DC  A "C3'" 1 
ATOM   6   O "O3'" . DC  A 1 1  ? -11.630 -10.507 -11.575 1.00 11.04 ? 1  DC  A "O3'" 1 
ATOM   7   C "C2'" . DC  A 1 1  ? -10.734 -8.377  -12.373 1.00 11.28 ? 1  DC  A "C2'" 1 
ATOM   8   C "C1'" . DC  A 1 1  ? -9.658  -9.189  -13.081 1.00 11.39 ? 1  DC  A "C1'" 1 
ATOM   9   N N1    . DC  A 1 1  ? -8.858  -8.328  -13.987 1.00 11.36 ? 1  DC  A N1    1 
ATOM   10  C C2    . DC  A 1 1  ? -7.599  -8.847  -14.299 1.00 11.16 ? 1  DC  A C2    1 
ATOM   11  O O2    . DC  A 1 1  ? -7.236  -9.930  -13.855 1.00 11.61 ? 1  DC  A O2    1 
ATOM   12  N N3    . DC  A 1 1  ? -6.770  -8.112  -15.065 1.00 10.98 ? 1  DC  A N3    1 
ATOM   13  C C4    . DC  A 1 1  ? -7.157  -6.904  -15.556 1.00 11.02 ? 1  DC  A C4    1 
ATOM   14  N N4    . DC  A 1 1  ? -6.288  -6.249  -16.315 1.00 11.19 ? 1  DC  A N4    1 
ATOM   15  C C5    . DC  A 1 1  ? -8.439  -6.400  -15.261 1.00 11.11 ? 1  DC  A C5    1 
ATOM   16  C C6    . DC  A 1 1  ? -9.265  -7.156  -14.507 1.00 11.09 ? 1  DC  A C6    1 
ATOM   17  P P     . DG  A 1 2  ? -11.629 -10.363 -10.034 1.00 16.04 ? 2  DG  A P     1 
ATOM   18  O OP1   . DG  A 1 2  ? -12.766 -10.914 -9.244  1.00 11.62 ? 2  DG  A OP1   1 
ATOM   19  O OP2   . DG  A 1 2  ? -11.448 -8.867  -9.801  1.00 15.80 ? 2  DG  A OP2   1 
ATOM   20  O "O5'" . DG  A 1 2  ? -10.237 -11.119 -9.563  1.00 12.20 ? 2  DG  A "O5'" 1 
ATOM   21  C "C5'" . DG  A 1 2  ? -9.684  -12.066 -10.520 1.00 10.98 ? 2  DG  A "C5'" 1 
ATOM   22  C "C4'" . DG  A 1 2  ? -8.315  -12.399 -9.984  1.00 10.56 ? 2  DG  A "C4'" 1 
ATOM   23  O "O4'" . DG  A 1 2  ? -7.317  -11.674 -10.692 1.00 10.52 ? 2  DG  A "O4'" 1 
ATOM   24  C "C3'" . DG  A 1 2  ? -8.105  -12.027 -8.509  1.00 10.18 ? 2  DG  A "C3'" 1 
ATOM   25  O "O3'" . DG  A 1 2  ? -7.180  -12.860 -7.888  1.00 10.11 ? 2  DG  A "O3'" 1 
ATOM   26  C "C2'" . DG  A 1 2  ? -7.695  -10.561 -8.668  1.00 10.00 ? 2  DG  A "C2'" 1 
ATOM   27  C "C1'" . DG  A 1 2  ? -6.741  -10.673 -9.873  1.00 10.07 ? 2  DG  A "C1'" 1 
ATOM   28  N N9    . DG  A 1 2  ? -6.628  -9.376  -10.536 1.00 10.17 ? 2  DG  A N9    1 
ATOM   29  C C8    . DG  A 1 2  ? -7.567  -8.375  -10.638 1.00 9.98  ? 2  DG  A C8    1 
ATOM   30  N N7    . DG  A 1 2  ? -7.146  -7.292  -11.255 1.00 10.00 ? 2  DG  A N7    1 
ATOM   31  C C5    . DG  A 1 2  ? -5.815  -7.589  -11.539 1.00 9.88  ? 2  DG  A C5    1 
ATOM   32  C C6    . DG  A 1 2  ? -4.838  -6.833  -12.213 1.00 9.97  ? 2  DG  A C6    1 
ATOM   33  O O6    . DG  A 1 2  ? -4.957  -5.687  -12.688 1.00 10.49 ? 2  DG  A O6    1 
ATOM   34  N N1    . DG  A 1 2  ? -3.625  -7.467  -12.316 1.00 10.36 ? 2  DG  A N1    1 
ATOM   35  C C2    . DG  A 1 2  ? -3.389  -8.697  -11.834 1.00 9.98  ? 2  DG  A C2    1 
ATOM   36  N N2    . DG  A 1 2  ? -2.176  -9.153  -12.040 1.00 10.22 ? 2  DG  A N2    1 
ATOM   37  N N3    . DG  A 1 2  ? -4.299  -9.478  -11.210 1.00 10.31 ? 2  DG  A N3    1 
ATOM   38  C C4    . DG  A 1 2  ? -5.489  -8.852  -11.123 1.00 9.97  ? 2  DG  A C4    1 
ATOM   39  P P     . DC  A 1 3  ? -6.760  -12.971 -6.377  1.00 9.52  ? 3  DC  A P     1 
ATOM   40  O OP1   . DC  A 1 3  ? -6.978  -14.340 -5.797  1.00 8.54  ? 3  DC  A OP1   1 
ATOM   41  O OP2   . DC  A 1 3  ? -7.479  -11.936 -5.610  1.00 6.08  ? 3  DC  A OP2   1 
ATOM   42  O "O5'" . DC  A 1 3  ? -5.153  -12.582 -6.400  1.00 3.65  ? 3  DC  A "O5'" 1 
ATOM   43  C "C5'" . DC  A 1 3  ? -4.272  -13.592 -7.011  1.00 3.00  ? 3  DC  A "C5'" 1 
ATOM   44  C "C4'" . DC  A 1 3  ? -2.894  -12.848 -7.033  1.00 2.55  ? 3  DC  A "C4'" 1 
ATOM   45  O "O4'" . DC  A 1 3  ? -3.052  -11.683 -7.817  1.00 2.50  ? 3  DC  A "O4'" 1 
ATOM   46  C "C3'" . DC  A 1 3  ? -2.472  -12.412 -5.655  1.00 2.66  ? 3  DC  A "C3'" 1 
ATOM   47  O "O3'" . DC  A 1 3  ? -1.136  -12.740 -5.272  1.00 2.50  ? 3  DC  A "O3'" 1 
ATOM   48  C "C2'" . DC  A 1 3  ? -2.695  -10.900 -5.720  1.00 2.50  ? 3  DC  A "C2'" 1 
ATOM   49  C "C1'" . DC  A 1 3  ? -2.428  -10.579 -7.185  1.00 2.50  ? 3  DC  A "C1'" 1 
ATOM   50  N N1    . DC  A 1 3  ? -3.063  -9.310  -7.526  1.00 2.50  ? 3  DC  A N1    1 
ATOM   51  C C2    . DC  A 1 3  ? -2.372  -8.418  -8.331  1.00 2.50  ? 3  DC  A C2    1 
ATOM   52  O O2    . DC  A 1 3  ? -1.270  -8.694  -8.783  1.00 2.50  ? 3  DC  A O2    1 
ATOM   53  N N3    . DC  A 1 3  ? -2.953  -7.212  -8.621  1.00 2.50  ? 3  DC  A N3    1 
ATOM   54  C C4    . DC  A 1 3  ? -4.174  -6.913  -8.124  1.00 2.50  ? 3  DC  A C4    1 
ATOM   55  N N4    . DC  A 1 3  ? -4.772  -5.768  -8.411  1.00 2.50  ? 3  DC  A N4    1 
ATOM   56  C C5    . DC  A 1 3  ? -4.845  -7.831  -7.277  1.00 2.50  ? 3  DC  A C5    1 
ATOM   57  C C6    . DC  A 1 3  ? -4.265  -8.965  -7.032  1.00 2.50  ? 3  DC  A C6    1 
ATOM   58  P P     . DG  A 1 4  ? -0.592  -12.354 -3.838  1.00 11.05 ? 4  DG  A P     1 
ATOM   59  O OP1   . DG  A 1 4  ? -0.300  -13.589 -3.022  1.00 6.96  ? 4  DG  A OP1   1 
ATOM   60  O OP2   . DG  A 1 4  ? -1.614  -11.494 -3.203  1.00 7.57  ? 4  DG  A OP2   1 
ATOM   61  O "O5'" . DG  A 1 4  ? 0.773   -11.547 -4.163  1.00 10.00 ? 4  DG  A "O5'" 1 
ATOM   62  C "C5'" . DG  A 1 4  ? 1.515   -11.834 -5.374  1.00 9.91  ? 4  DG  A "C5'" 1 
ATOM   63  C "C4'" . DG  A 1 4  ? 2.671   -10.912 -5.563  1.00 9.80  ? 4  DG  A "C4'" 1 
ATOM   64  O "O4'" . DG  A 1 4  ? 2.297   -9.624  -6.143  1.00 9.76  ? 4  DG  A "O4'" 1 
ATOM   65  C "C3'" . DG  A 1 4  ? 3.402   -10.446 -4.291  1.00 9.84  ? 4  DG  A "C3'" 1 
ATOM   66  O "O3'" . DG  A 1 4  ? 4.661   -9.949  -4.603  1.00 10.00 ? 4  DG  A "O3'" 1 
ATOM   67  C "C2'" . DG  A 1 4  ? 2.422   -9.355  -3.806  1.00 9.58  ? 4  DG  A "C2'" 1 
ATOM   68  C "C1'" . DG  A 1 4  ? 2.237   -8.609  -5.116  1.00 9.46  ? 4  DG  A "C1'" 1 
ATOM   69  N N9    . DG  A 1 4  ? 0.974   -7.864  -5.125  1.00 9.19  ? 4  DG  A N9    1 
ATOM   70  C C8    . DG  A 1 4  ? -0.179  -8.125  -4.420  1.00 9.15  ? 4  DG  A C8    1 
ATOM   71  N N7    . DG  A 1 4  ? -1.168  -7.304  -4.671  1.00 8.78  ? 4  DG  A N7    1 
ATOM   72  C C5    . DG  A 1 4  ? -0.592  -6.455  -5.637  1.00 8.64  ? 4  DG  A C5    1 
ATOM   73  C C6    . DG  A 1 4  ? -1.165  -5.314  -6.305  1.00 8.79  ? 4  DG  A C6    1 
ATOM   74  O O6    . DG  A 1 4  ? -2.341  -4.947  -6.117  1.00 8.79  ? 4  DG  A O6    1 
ATOM   75  N N1    . DG  A 1 4  ? -0.311  -4.700  -7.183  1.00 8.26  ? 4  DG  A N1    1 
ATOM   76  C C2    . DG  A 1 4  ? 0.962   -5.103  -7.363  1.00 7.87  ? 4  DG  A C2    1 
ATOM   77  N N2    . DG  A 1 4  ? 1.674   -4.392  -8.220  1.00 7.41  ? 4  DG  A N2    1 
ATOM   78  N N3    . DG  A 1 4  ? 1.554   -6.151  -6.761  1.00 8.35  ? 4  DG  A N3    1 
ATOM   79  C C4    . DG  A 1 4  ? 0.695   -6.769  -5.911  1.00 8.65  ? 4  DG  A C4    1 
ATOM   80  P P     . DA  A 1 5  ? 5.742   -9.385  -3.638  1.00 18.99 ? 5  DA  A P     1 
ATOM   81  O OP1   . DA  A 1 5  ? 7.054   -10.133 -3.845  1.00 17.62 ? 5  DA  A OP1   1 
ATOM   82  O OP2   . DA  A 1 5  ? 5.225   -9.473  -2.250  1.00 13.09 ? 5  DA  A OP2   1 
ATOM   83  O "O5'" . DA  A 1 5  ? 5.981   -7.843  -4.090  1.00 14.42 ? 5  DA  A "O5'" 1 
ATOM   84  C "C5'" . DA  A 1 5  ? 5.768   -7.541  -5.494  1.00 14.65 ? 5  DA  A "C5'" 1 
ATOM   85  C "C4'" . DA  A 1 5  ? 6.053   -6.052  -5.665  1.00 14.16 ? 5  DA  A "C4'" 1 
ATOM   86  O "O4'" . DA  A 1 5  ? 4.846   -5.344  -5.662  1.00 14.37 ? 5  DA  A "O4'" 1 
ATOM   87  C "C3'" . DA  A 1 5  ? 6.872   -5.412  -4.537  1.00 13.99 ? 5  DA  A "C3'" 1 
ATOM   88  O "O3'" . DA  A 1 5  ? 7.532   -4.252  -4.958  1.00 14.02 ? 5  DA  A "O3'" 1 
ATOM   89  C "C2'" . DA  A 1 5  ? 5.765   -5.171  -3.517  1.00 14.05 ? 5  DA  A "C2'" 1 
ATOM   90  C "C1'" . DA  A 1 5  ? 4.703   -4.584  -4.458  1.00 13.65 ? 5  DA  A "C1'" 1 
ATOM   91  N N9    . DA  A 1 5  ? 3.373   -4.682  -3.904  1.00 13.73 ? 5  DA  A N9    1 
ATOM   92  C C8    . DA  A 1 5  ? 2.856   -5.546  -2.969  1.00 13.82 ? 5  DA  A C8    1 
ATOM   93  N N7    . DA  A 1 5  ? 1.593   -5.346  -2.704  1.00 13.93 ? 5  DA  A N7    1 
ATOM   94  C C5    . DA  A 1 5  ? 1.235   -4.281  -3.524  1.00 13.84 ? 5  DA  A C5    1 
ATOM   95  C C6    . DA  A 1 5  ? 0.008   -3.587  -3.689  1.00 13.88 ? 5  DA  A C6    1 
ATOM   96  N N6    . DA  A 1 5  ? -1.127  -3.794  -3.061  1.00 13.34 ? 5  DA  A N6    1 
ATOM   97  N N1    . DA  A 1 5  ? 0.052   -2.538  -4.581  1.00 13.98 ? 5  DA  A N1    1 
ATOM   98  C C2    . DA  A 1 5  ? 1.203   -2.238  -5.254  1.00 14.51 ? 5  DA  A C2    1 
ATOM   99  N N3    . DA  A 1 5  ? 2.381   -2.864  -5.156  1.00 14.01 ? 5  DA  A N3    1 
ATOM   100 C C4    . DA  A 1 5  ? 2.310   -3.871  -4.261  1.00 13.74 ? 5  DA  A C4    1 
ATOM   101 P P     . DA  A 1 6  ? 8.656   -3.528  -4.070  1.00 19.41 ? 6  DA  A P     1 
ATOM   102 O OP1   . DA  A 1 6  ? 10.022  -3.805  -4.702  1.00 14.35 ? 6  DA  A OP1   1 
ATOM   103 O OP2   . DA  A 1 6  ? 8.483   -4.156  -2.727  1.00 13.88 ? 6  DA  A OP2   1 
ATOM   104 O "O5'" . DA  A 1 6  ? 8.345   -1.983  -4.155  1.00 15.30 ? 6  DA  A "O5'" 1 
ATOM   105 C "C5'" . DA  A 1 6  ? 7.975   -1.365  -5.403  1.00 14.95 ? 6  DA  A "C5'" 1 
ATOM   106 C "C4'" . DA  A 1 6  ? 6.937   -0.305  -5.094  1.00 14.84 ? 6  DA  A "C4'" 1 
ATOM   107 O "O4'" . DA  A 1 6  ? 5.781   -0.915  -4.537  1.00 14.61 ? 6  DA  A "O4'" 1 
ATOM   108 C "C3'" . DA  A 1 6  ? 7.338   0.804   -4.117  1.00 14.78 ? 6  DA  A "C3'" 1 
ATOM   109 O "O3'" . DA  A 1 6  ? 7.406   2.054   -4.801  1.00 14.77 ? 6  DA  A "O3'" 1 
ATOM   110 C "C2'" . DA  A 1 6  ? 6.249   0.810   -3.020  1.00 14.58 ? 6  DA  A "C2'" 1 
ATOM   111 C "C1'" . DA  A 1 6  ? 5.162   0.018   -3.592  1.00 13.99 ? 6  DA  A "C1'" 1 
ATOM   112 N N9    . DA  A 1 6  ? 4.356   -0.794  -2.678  1.00 13.64 ? 6  DA  A N9    1 
ATOM   113 C C8    . DA  A 1 6  ? 4.580   -1.942  -2.010  1.00 13.33 ? 6  DA  A C8    1 
ATOM   114 N N7    . DA  A 1 6  ? 3.526   -2.414  -1.381  1.00 13.50 ? 6  DA  A N7    1 
ATOM   115 C C5    . DA  A 1 6  ? 2.512   -1.526  -1.675  1.00 13.43 ? 6  DA  A C5    1 
ATOM   116 C C6    . DA  A 1 6  ? 1.168   -1.447  -1.323  1.00 13.66 ? 6  DA  A C6    1 
ATOM   117 N N6    . DA  A 1 6  ? 0.493   -2.294  -0.549  1.00 14.37 ? 6  DA  A N6    1 
ATOM   118 N N1    . DA  A 1 6  ? 0.450   -0.407  -1.866  1.00 13.50 ? 6  DA  A N1    1 
ATOM   119 C C2    . DA  A 1 6  ? 1.027   0.507   -2.660  1.00 13.54 ? 6  DA  A C2    1 
ATOM   120 N N3    . DA  A 1 6  ? 2.313   0.486   -3.018  1.00 13.79 ? 6  DA  A N3    1 
ATOM   121 C C4    . DA  A 1 6  ? 2.987   -0.545  -2.511  1.00 13.51 ? 6  DA  A C4    1 
ATOM   122 P P     . DT  A 1 7  ? 8.131   3.334   -4.206  1.00 15.94 ? 7  DT  A P     1 
ATOM   123 O OP1   . DT  A 1 7  ? 8.972   3.997   -5.277  1.00 17.71 ? 7  DT  A OP1   1 
ATOM   124 O OP2   . DT  A 1 7  ? 8.931   2.827   -3.103  1.00 14.09 ? 7  DT  A OP2   1 
ATOM   125 O "O5'" . DT  A 1 7  ? 6.866   4.315   -3.866  1.00 7.99  ? 7  DT  A "O5'" 1 
ATOM   126 C "C5'" . DT  A 1 7  ? 5.602   3.640   -3.879  1.00 7.10  ? 7  DT  A "C5'" 1 
ATOM   127 C "C4'" . DT  A 1 7  ? 4.493   4.566   -3.526  1.00 6.70  ? 7  DT  A "C4'" 1 
ATOM   128 O "O4'" . DT  A 1 7  ? 3.513   3.776   -2.804  1.00 6.75  ? 7  DT  A "O4'" 1 
ATOM   129 C "C3'" . DT  A 1 7  ? 4.763   5.706   -2.600  1.00 6.36  ? 7  DT  A "C3'" 1 
ATOM   130 O "O3'" . DT  A 1 7  ? 3.753   6.735   -2.725  1.00 6.44  ? 7  DT  A "O3'" 1 
ATOM   131 C "C2'" . DT  A 1 7  ? 4.679   5.024   -1.229  1.00 6.16  ? 7  DT  A "C2'" 1 
ATOM   132 C "C1'" . DT  A 1 7  ? 3.450   4.174   -1.416  1.00 5.60  ? 7  DT  A "C1'" 1 
ATOM   133 N N1    . DT  A 1 7  ? 3.410   2.992   -0.575  1.00 5.34  ? 7  DT  A N1    1 
ATOM   134 C C2    . DT  A 1 7  ? 2.154   2.583   -0.114  1.00 5.67  ? 7  DT  A C2    1 
ATOM   135 O O2    . DT  A 1 7  ? 1.089   3.207   -0.352  1.00 5.58  ? 7  DT  A O2    1 
ATOM   136 N N3    . DT  A 1 7  ? 2.059   1.454   0.660   1.00 4.99  ? 7  DT  A N3    1 
ATOM   137 C C4    . DT  A 1 7  ? 3.146   0.735   0.974   1.00 5.37  ? 7  DT  A C4    1 
ATOM   138 O O4    . DT  A 1 7  ? 2.924   -0.296  1.719   1.00 6.11  ? 7  DT  A O4    1 
ATOM   139 C C5    . DT  A 1 7  ? 4.416   1.108   0.487   1.00 5.26  ? 7  DT  A C5    1 
ATOM   140 C C7    . DT  A 1 7  ? 5.633   0.280   0.827   1.00 5.42  ? 7  DT  A C7    1 
ATOM   141 C C6    . DT  A 1 7  ? 4.508   2.223   -0.281  1.00 5.36  ? 7  DT  A C6    1 
ATOM   142 P P     . DT  A 1 8  ? 4.165   8.246   -2.269  1.00 6.83  ? 8  DT  A P     1 
ATOM   143 O OP1   . DT  A 1 8  ? 4.305   9.101   -3.424  1.00 2.78  ? 8  DT  A OP1   1 
ATOM   144 O OP2   . DT  A 1 8  ? 5.415   7.915   -1.457  1.00 2.50  ? 8  DT  A OP2   1 
ATOM   145 O "O5'" . DT  A 1 8  ? 2.989   8.646   -1.270  1.00 7.93  ? 8  DT  A "O5'" 1 
ATOM   146 C "C5'" . DT  A 1 8  ? 2.658   7.460   -0.404  1.00 7.66  ? 8  DT  A "C5'" 1 
ATOM   147 C "C4'" . DT  A 1 8  ? 1.200   7.791   -0.128  1.00 7.38  ? 8  DT  A "C4'" 1 
ATOM   148 O "O4'" . DT  A 1 8  ? 0.654   6.733   0.558   1.00 7.13  ? 8  DT  A "O4'" 1 
ATOM   149 C "C3'" . DT  A 1 8  ? 1.116   8.968   0.880   1.00 7.49  ? 8  DT  A "C3'" 1 
ATOM   150 O "O3'" . DT  A 1 8  ? -0.128  9.509   0.928   1.00 7.56  ? 8  DT  A "O3'" 1 
ATOM   151 C "C2'" . DT  A 1 8  ? 1.606   8.176   2.124   1.00 7.61  ? 8  DT  A "C2'" 1 
ATOM   152 C "C1'" . DT  A 1 8  ? 0.928   6.817   1.935   1.00 6.79  ? 8  DT  A "C1'" 1 
ATOM   153 N N1    . DT  A 1 8  ? 1.732   5.703   2.408   1.00 6.59  ? 8  DT  A N1    1 
ATOM   154 C C2    . DT  A 1 8  ? 1.000   4.679   3.016   1.00 6.59  ? 8  DT  A C2    1 
ATOM   155 O O2    . DT  A 1 8  ? -0.245  4.752   3.150   1.00 6.50  ? 8  DT  A O2    1 
ATOM   156 N N3    . DT  A 1 8  ? 1.678   3.608   3.513   1.00 6.66  ? 8  DT  A N3    1 
ATOM   157 C C4    . DT  A 1 8  ? 3.016   3.504   3.426   1.00 6.25  ? 8  DT  A C4    1 
ATOM   158 O O4    . DT  A 1 8  ? 3.520   2.449   3.968   1.00 6.69  ? 8  DT  A O4    1 
ATOM   159 C C5    . DT  A 1 8  ? 3.759   4.528   2.798   1.00 6.20  ? 8  DT  A C5    1 
ATOM   160 C C7    . DT  A 1 8  ? 5.255   4.433   2.717   1.00 6.71  ? 8  DT  A C7    1 
ATOM   161 C C6    . DT  A 1 8  ? 3.100   5.589   2.299   1.00 6.34  ? 8  DT  A C6    1 
ATOM   162 P P     . DC  A 1 9  ? -0.761  10.633  1.820   1.00 11.56 ? 9  DC  A P     1 
ATOM   163 O OP1   . DC  A 1 9  ? -2.037  11.157  1.169   1.00 11.06 ? 9  DC  A OP1   1 
ATOM   164 O OP2   . DC  A 1 9  ? 0.288   11.646  1.886   1.00 10.04 ? 9  DC  A OP2   1 
ATOM   165 O "O5'" . DC  A 1 9  ? -1.203  9.909   3.143   1.00 12.43 ? 9  DC  A "O5'" 1 
ATOM   166 C "C5'" . DC  A 1 9  ? -1.978  8.673   2.890   1.00 13.19 ? 9  DC  A "C5'" 1 
ATOM   167 C "C4'" . DC  A 1 9  ? -2.748  8.404   4.151   1.00 13.26 ? 9  DC  A "C4'" 1 
ATOM   168 O "O4'" . DC  A 1 9  ? -2.255  7.235   4.803   1.00 13.53 ? 9  DC  A "O4'" 1 
ATOM   169 C "C3'" . DC  A 1 9  ? -2.696  9.546   5.190   1.00 13.26 ? 9  DC  A "C3'" 1 
ATOM   170 O "O3'" . DC  A 1 9  ? -3.993  9.708   5.739   1.00 13.95 ? 9  DC  A "O3'" 1 
ATOM   171 C "C2'" . DC  A 1 9  ? -1.601  9.079   6.112   1.00 13.28 ? 9  DC  A "C2'" 1 
ATOM   172 C "C1'" . DC  A 1 9  ? -1.640  7.588   6.051   1.00 13.03 ? 9  DC  A "C1'" 1 
ATOM   173 N N1    . DC  A 1 9  ? -0.312  6.967   6.120   1.00 12.79 ? 9  DC  A N1    1 
ATOM   174 C C2    . DC  A 1 9  ? -0.300  5.653   6.601   1.00 12.71 ? 9  DC  A C2    1 
ATOM   175 O O2    . DC  A 1 9  ? -1.364  5.126   6.980   1.00 13.43 ? 9  DC  A O2    1 
ATOM   176 N N3    . DC  A 1 9  ? 0.872   5.019   6.672   1.00 12.16 ? 9  DC  A N3    1 
ATOM   177 C C4    . DC  A 1 9  ? 2.035   5.642   6.280   1.00 12.35 ? 9  DC  A C4    1 
ATOM   178 N N4    . DC  A 1 9  ? 3.169   4.942   6.441   1.00 12.62 ? 9  DC  A N4    1 
ATOM   179 C C5    . DC  A 1 9  ? 2.017   6.933   5.787   1.00 12.05 ? 9  DC  A C5    1 
ATOM   180 C C6    . DC  A 1 9  ? 0.843   7.555   5.714   1.00 12.56 ? 9  DC  A C6    1 
ATOM   181 P P     . DG  A 1 10 ? -4.580  10.970  6.486   1.00 16.62 ? 10 DG  A P     1 
ATOM   182 O OP1   . DG  A 1 10 ? -5.746  11.565  5.712   1.00 19.27 ? 10 DG  A OP1   1 
ATOM   183 O OP2   . DG  A 1 10 ? -3.444  11.898  6.620   1.00 17.21 ? 10 DG  A OP2   1 
ATOM   184 O "O5'" . DG  A 1 10 ? -5.109  10.354  7.871   1.00 15.96 ? 10 DG  A "O5'" 1 
ATOM   185 C "C5'" . DG  A 1 10 ? -5.711  9.019   7.799   1.00 15.68 ? 10 DG  A "C5'" 1 
ATOM   186 C "C4'" . DG  A 1 10 ? -5.393  8.347   9.123   1.00 15.48 ? 10 DG  A "C4'" 1 
ATOM   187 O "O4'" . DG  A 1 10 ? -4.128  7.792   9.154   1.00 15.37 ? 10 DG  A "O4'" 1 
ATOM   188 C "C3'" . DG  A 1 10 ? -5.479  9.328   10.339  1.00 15.46 ? 10 DG  A "C3'" 1 
ATOM   189 O "O3'" . DG  A 1 10 ? -6.461  8.839   11.193  1.00 16.25 ? 10 DG  A "O3'" 1 
ATOM   190 C "C2'" . DG  A 1 10 ? -4.058  9.388   10.831  1.00 15.17 ? 10 DG  A "C2'" 1 
ATOM   191 C "C1'" . DG  A 1 10 ? -3.384  8.147   10.359  1.00 14.56 ? 10 DG  A "C1'" 1 
ATOM   192 N N9    . DG  A 1 10 ? -1.965  8.316   10.030  1.00 13.76 ? 10 DG  A N9    1 
ATOM   193 C C8    . DG  A 1 10 ? -1.338  9.375   9.435   1.00 13.69 ? 10 DG  A C8    1 
ATOM   194 N N7    . DG  A 1 10 ? -0.054  9.202   9.238   1.00 13.38 ? 10 DG  A N7    1 
ATOM   195 C C5    . DG  A 1 10 ? 0.203   7.936   9.737   1.00 13.06 ? 10 DG  A C5    1 
ATOM   196 C C6    . DG  A 1 10 ? 1.382   7.174   9.769   1.00 13.25 ? 10 DG  A C6    1 
ATOM   197 O O6    . DG  A 1 10 ? 2.540   7.470   9.420   1.00 12.47 ? 10 DG  A O6    1 
ATOM   198 N N1    . DG  A 1 10 ? 1.234   5.908   10.318  1.00 13.34 ? 10 DG  A N1    1 
ATOM   199 C C2    . DG  A 1 10 ? 0.016   5.472   10.744  1.00 13.52 ? 10 DG  A C2    1 
ATOM   200 N N2    . DG  A 1 10 ? -0.001  4.249   11.234  1.00 13.72 ? 10 DG  A N2    1 
ATOM   201 N N3    . DG  A 1 10 ? -1.122  6.152   10.719  1.00 13.66 ? 10 DG  A N3    1 
ATOM   202 C C4    . DG  A 1 10 ? -0.958  7.383   10.200  1.00 13.49 ? 10 DG  A C4    1 
ATOM   203 P P     . DC  A 1 11 ? -6.553  8.746   12.755  1.00 22.61 ? 11 DC  A P     1 
ATOM   204 O OP1   . DC  A 1 11 ? -7.993  8.814   13.233  1.00 18.96 ? 11 DC  A OP1   1 
ATOM   205 O OP2   . DC  A 1 11 ? -5.724  9.893   13.233  1.00 22.45 ? 11 DC  A OP2   1 
ATOM   206 O "O5'" . DC  A 1 11 ? -5.931  7.336   13.195  1.00 22.22 ? 11 DC  A "O5'" 1 
ATOM   207 C "C5'" . DC  A 1 11 ? -6.167  6.150   12.368  1.00 22.08 ? 11 DC  A "C5'" 1 
ATOM   208 C "C4'" . DC  A 1 11 ? -5.645  4.992   13.224  1.00 21.81 ? 11 DC  A "C4'" 1 
ATOM   209 O "O4'" . DC  A 1 11 ? -4.210  4.949   13.232  1.00 21.48 ? 11 DC  A "O4'" 1 
ATOM   210 C "C3'" . DC  A 1 11 ? -6.064  5.129   14.660  1.00 21.82 ? 11 DC  A "C3'" 1 
ATOM   211 O "O3'" . DC  A 1 11 ? -6.222  3.898   15.358  1.00 22.22 ? 11 DC  A "O3'" 1 
ATOM   212 C "C2'" . DC  A 1 11 ? -4.913  5.986   15.267  1.00 21.31 ? 11 DC  A "C2'" 1 
ATOM   213 C "C1'" . DC  A 1 11 ? -3.747  5.439   14.526  1.00 20.79 ? 11 DC  A "C1'" 1 
ATOM   214 N N1    . DC  A 1 11 ? -2.750  6.488   14.267  1.00 20.11 ? 11 DC  A N1    1 
ATOM   215 C C2    . DC  A 1 11 ? -1.430  6.045   14.221  1.00 19.64 ? 11 DC  A C2    1 
ATOM   216 O O2    . DC  A 1 11 ? -1.190  4.865   14.440  1.00 19.16 ? 11 DC  A O2    1 
ATOM   217 N N3    . DC  A 1 11 ? -0.471  6.963   13.941  1.00 19.37 ? 11 DC  A N3    1 
ATOM   218 C C4    . DC  A 1 11 ? -0.770  8.267   13.708  1.00 19.40 ? 11 DC  A C4    1 
ATOM   219 N N4    . DC  A 1 11 ? 0.196   9.143   13.426  1.00 19.11 ? 11 DC  A N4    1 
ATOM   220 C C5    . DC  A 1 11 ? -2.135  8.699   13.764  1.00 19.74 ? 11 DC  A C5    1 
ATOM   221 C C6    . DC  A 1 11 ? -3.076  7.781   14.037  1.00 19.77 ? 11 DC  A C6    1 
ATOM   222 P P     . DG  A 1 12 ? -6.844  4.089   16.937  1.00 22.70 ? 12 DG  A P     1 
ATOM   223 O OP1   . DG  A 1 12 ? -7.577  2.766   17.135  1.00 23.05 ? 12 DG  A OP1   1 
ATOM   224 O OP2   . DG  A 1 12 ? -7.593  5.279   16.806  1.00 18.68 ? 12 DG  A OP2   1 
ATOM   225 O "O5'" . DG  A 1 12 ? -5.450  4.061   17.769  1.00 18.59 ? 12 DG  A "O5'" 1 
ATOM   226 C "C5'" . DG  A 1 12 ? -4.824  2.699   17.720  1.00 18.02 ? 12 DG  A "C5'" 1 
ATOM   227 C "C4'" . DG  A 1 12 ? -3.810  2.652   18.854  1.00 17.64 ? 12 DG  A "C4'" 1 
ATOM   228 O "O4'" . DG  A 1 12 ? -2.586  3.167   18.368  1.00 17.17 ? 12 DG  A "O4'" 1 
ATOM   229 C "C3'" . DG  A 1 12 ? -4.132  3.414   20.124  1.00 17.33 ? 12 DG  A "C3'" 1 
ATOM   230 O "O3'" . DG  A 1 12 ? -4.447  2.478   21.215  1.00 18.13 ? 12 DG  A "O3'" 1 
ATOM   231 C "C2'" . DG  A 1 12 ? -2.920  4.201   20.471  1.00 16.79 ? 12 DG  A "C2'" 1 
ATOM   232 C "C1'" . DG  A 1 12 ? -1.975  4.040   19.315  1.00 16.62 ? 12 DG  A "C1'" 1 
ATOM   233 N N9    . DG  A 1 12 ? -1.740  5.356   18.701  1.00 15.75 ? 12 DG  A N9    1 
ATOM   234 C C8    . DG  A 1 12 ? -2.697  6.322   18.472  1.00 16.05 ? 12 DG  A C8    1 
ATOM   235 N N7    . DG  A 1 12 ? -2.192  7.435   17.946  1.00 16.17 ? 12 DG  A N7    1 
ATOM   236 C C5    . DG  A 1 12 ? -0.842  7.137   17.805  1.00 15.49 ? 12 DG  A C5    1 
ATOM   237 C C6    . DG  A 1 12 ? 0.227   7.907   17.304  1.00 15.59 ? 12 DG  A C6    1 
ATOM   238 O O6    . DG  A 1 12 ? 0.131   9.042   16.820  1.00 15.83 ? 12 DG  A O6    1 
ATOM   239 N N1    . DG  A 1 12 ? 1.463   7.309   17.350  1.00 15.24 ? 12 DG  A N1    1 
ATOM   240 C C2    . DG  A 1 12 ? 1.623   6.048   17.826  1.00 15.33 ? 12 DG  A C2    1 
ATOM   241 N N2    . DG  A 1 12 ? 2.913   5.609   17.796  1.00 14.86 ? 12 DG  A N2    1 
ATOM   242 N N3    . DG  A 1 12 ? 0.646   5.277   18.320  1.00 15.25 ? 12 DG  A N3    1 
ATOM   243 C C4    . DG  A 1 12 ? -0.554  5.865   18.279  1.00 15.61 ? 12 DG  A C4    1 
ATOM   244 O "O5'" . DC  B 1 1  ? 8.530   11.034  17.307  1.00 16.69 ? 13 DC  B "O5'" 1 
ATOM   245 C "C5'" . DC  B 1 1  ? 9.461   10.526  16.287  1.00 16.45 ? 13 DC  B "C5'" 1 
ATOM   246 C "C4'" . DC  B 1 1  ? 9.445   9.000   16.376  1.00 16.50 ? 13 DC  B "C4'" 1 
ATOM   247 O "O4'" . DC  B 1 1  ? 8.179   8.482   16.817  1.00 16.25 ? 13 DC  B "O4'" 1 
ATOM   248 C "C3'" . DC  B 1 1  ? 9.588   8.307   15.051  1.00 16.46 ? 13 DC  B "C3'" 1 
ATOM   249 O "O3'" . DC  B 1 1  ? 9.719   6.877   15.125  1.00 16.77 ? 13 DC  B "O3'" 1 
ATOM   250 C "C2'" . DC  B 1 1  ? 8.203   8.679   14.462  1.00 16.61 ? 13 DC  B "C2'" 1 
ATOM   251 C "C1'" . DC  B 1 1  ? 7.345   8.210   15.635  1.00 16.41 ? 13 DC  B "C1'" 1 
ATOM   252 N N1    . DC  B 1 1  ? 6.034   8.862   15.653  1.00 16.10 ? 13 DC  B N1    1 
ATOM   253 C C2    . DC  B 1 1  ? 4.989   8.163   16.269  1.00 16.04 ? 13 DC  B C2    1 
ATOM   254 O O2    . DC  B 1 1  ? 5.184   7.031   16.737  1.00 16.33 ? 13 DC  B O2    1 
ATOM   255 N N3    . DC  B 1 1  ? 3.759   8.741   16.352  1.00 15.43 ? 13 DC  B N3    1 
ATOM   256 C C4    . DC  B 1 1  ? 3.544   9.976   15.813  1.00 15.64 ? 13 DC  B C4    1 
ATOM   257 N N4    . DC  B 1 1  ? 2.344   10.511  15.880  1.00 15.75 ? 13 DC  B N4    1 
ATOM   258 C C5    . DC  B 1 1  ? 4.608   10.693  15.205  1.00 15.79 ? 13 DC  B C5    1 
ATOM   259 C C6    . DC  B 1 1  ? 5.805   10.112  15.143  1.00 15.88 ? 13 DC  B C6    1 
ATOM   260 P P     . DG  B 1 2  ? 11.058  6.278   14.368  1.00 20.96 ? 14 DG  B P     1 
ATOM   261 O OP1   . DG  B 1 2  ? 12.213  6.674   15.214  1.00 18.64 ? 14 DG  B OP1   1 
ATOM   262 O OP2   . DG  B 1 2  ? 10.991  7.025   13.046  1.00 18.98 ? 14 DG  B OP2   1 
ATOM   263 O "O5'" . DG  B 1 2  ? 10.788  4.735   14.227  1.00 17.36 ? 14 DG  B "O5'" 1 
ATOM   264 C "C5'" . DG  B 1 2  ? 10.496  3.886   15.362  1.00 16.18 ? 14 DG  B "C5'" 1 
ATOM   265 C "C4'" . DG  B 1 2  ? 9.089   3.363   15.226  1.00 15.48 ? 14 DG  B "C4'" 1 
ATOM   266 O "O4'" . DG  B 1 2  ? 8.133   4.354   15.207  1.00 14.72 ? 14 DG  B "O4'" 1 
ATOM   267 C "C3'" . DG  B 1 2  ? 8.858   2.598   13.884  1.00 15.48 ? 14 DG  B "C3'" 1 
ATOM   268 O "O3'" . DG  B 1 2  ? 9.362   1.260   14.032  1.00 15.67 ? 14 DG  B "O3'" 1 
ATOM   269 C "C2'" . DG  B 1 2  ? 7.377   2.786   13.664  1.00 14.92 ? 14 DG  B "C2'" 1 
ATOM   270 C "C1'" . DG  B 1 2  ? 6.902   3.774   14.610  1.00 14.71 ? 14 DG  B "C1'" 1 
ATOM   271 N N9    . DG  B 1 2  ? 6.119   4.877   14.036  1.00 14.24 ? 14 DG  B N9    1 
ATOM   272 C C8    . DG  B 1 2  ? 6.612   5.973   13.389  1.00 14.34 ? 14 DG  B C8    1 
ATOM   273 N N7    . DG  B 1 2  ? 5.682   6.853   13.047  1.00 14.64 ? 14 DG  B N7    1 
ATOM   274 C C5    . DG  B 1 2  ? 4.483   6.257   13.460  1.00 13.80 ? 14 DG  B C5    1 
ATOM   275 C C6    . DG  B 1 2  ? 3.174   6.719   13.351  1.00 13.87 ? 14 DG  B C6    1 
ATOM   276 O O6    . DG  B 1 2  ? 2.789   7.810   12.824  1.00 13.68 ? 14 DG  B O6    1 
ATOM   277 N N1    . DG  B 1 2  ? 2.249   5.852   13.875  1.00 13.56 ? 14 DG  B N1    1 
ATOM   278 C C2    . DG  B 1 2  ? 2.607   4.685   14.474  1.00 13.41 ? 14 DG  B C2    1 
ATOM   279 N N2    . DG  B 1 2  ? 1.585   3.979   14.967  1.00 13.08 ? 14 DG  B N2    1 
ATOM   280 N N3    . DG  B 1 2  ? 3.829   4.218   14.615  1.00 13.47 ? 14 DG  B N3    1 
ATOM   281 C C4    . DG  B 1 2  ? 4.727   5.064   14.078  1.00 14.01 ? 14 DG  B C4    1 
ATOM   282 P P     . DC  B 1 3  ? 8.694   -0.033  13.305  1.00 12.26 ? 15 DC  B P     1 
ATOM   283 O OP1   . DC  B 1 3  ? 8.769   -1.212  14.287  1.00 11.05 ? 15 DC  B OP1   1 
ATOM   284 O OP2   . DC  B 1 3  ? 9.417   -0.173  12.095  1.00 13.39 ? 15 DC  B OP2   1 
ATOM   285 O "O5'" . DC  B 1 3  ? 7.146   0.384   13.219  1.00 9.24  ? 15 DC  B "O5'" 1 
ATOM   286 C "C5'" . DC  B 1 3  ? 6.401   -0.211  14.395  1.00 8.95  ? 15 DC  B "C5'" 1 
ATOM   287 C "C4'" . DC  B 1 3  ? 5.077   -0.414  13.764  1.00 8.93  ? 15 DC  B "C4'" 1 
ATOM   288 O "O4'" . DC  B 1 3  ? 4.634   0.883   13.353  1.00 8.57  ? 15 DC  B "O4'" 1 
ATOM   289 C "C3'" . DC  B 1 3  ? 5.057   -1.283  12.507  1.00 9.18  ? 15 DC  B "C3'" 1 
ATOM   290 O "O3'" . DC  B 1 3  ? 4.589   -2.625  12.831  1.00 10.10 ? 15 DC  B "O3'" 1 
ATOM   291 C "C2'" . DC  B 1 3  ? 4.224   -0.506  11.546  1.00 8.74  ? 15 DC  B "C2'" 1 
ATOM   292 C "C1'" . DC  B 1 3  ? 3.813   0.750   12.222  1.00 7.75  ? 15 DC  B "C1'" 1 
ATOM   293 N N1    . DC  B 1 3  ? 4.096   1.926   11.399  1.00 7.74  ? 15 DC  B N1    1 
ATOM   294 C C2    . DC  B 1 3  ? 3.058   2.805   11.242  1.00 7.56  ? 15 DC  B C2    1 
ATOM   295 O O2    . DC  B 1 3  ? 1.967   2.502   11.713  1.00 7.97  ? 15 DC  B O2    1 
ATOM   296 N N3    . DC  B 1 3  ? 3.296   3.946   10.530  1.00 7.52  ? 15 DC  B N3    1 
ATOM   297 C C4    . DC  B 1 3  ? 4.517   4.232   10.004  1.00 7.13  ? 15 DC  B C4    1 
ATOM   298 N N4    . DC  B 1 3  ? 4.652   5.370   9.280   1.00 7.44  ? 15 DC  B N4    1 
ATOM   299 C C5    . DC  B 1 3  ? 5.585   3.385   10.251  1.00 7.57  ? 15 DC  B C5    1 
ATOM   300 C C6    . DC  B 1 3  ? 5.354   2.240   10.964  1.00 7.72  ? 15 DC  B C6    1 
ATOM   301 P P     . DG  B 1 4  ? 4.157   -3.702  11.754  1.00 12.26 ? 16 DG  B P     1 
ATOM   302 O OP1   . DG  B 1 4  ? 4.131   -5.134  12.287  1.00 7.78  ? 16 DG  B OP1   1 
ATOM   303 O OP2   . DG  B 1 4  ? 5.096   -3.515  10.660  1.00 12.48 ? 16 DG  B OP2   1 
ATOM   304 O "O5'" . DG  B 1 4  ? 2.625   -3.221  11.493  1.00 11.68 ? 16 DG  B "O5'" 1 
ATOM   305 C "C5'" . DG  B 1 4  ? 1.668   -3.848  12.406  1.00 12.20 ? 16 DG  B "C5'" 1 
ATOM   306 C "C4'" . DG  B 1 4  ? 0.327   -3.460  11.877  1.00 12.74 ? 16 DG  B "C4'" 1 
ATOM   307 O "O4'" . DG  B 1 4  ? 0.310   -2.123  11.437  1.00 12.32 ? 16 DG  B "O4'" 1 
ATOM   308 C "C3'" . DG  B 1 4  ? -0.147  -4.320  10.664  1.00 13.10 ? 16 DG  B "C3'" 1 
ATOM   309 O "O3'" . DG  B 1 4  ? -1.542  -4.584  10.820  1.00 14.42 ? 16 DG  B "O3'" 1 
ATOM   310 C "C2'" . DG  B 1 4  ? 0.254   -3.483  9.499   1.00 12.73 ? 16 DG  B "C2'" 1 
ATOM   311 C "C1'" . DG  B 1 4  ? 0.116   -2.066  10.013  1.00 12.21 ? 16 DG  B "C1'" 1 
ATOM   312 N N9    . DG  B 1 4  ? 1.120   -1.204  9.391   1.00 11.83 ? 16 DG  B N9    1 
ATOM   313 C C8    . DG  B 1 4  ? 2.433   -1.477  9.138   1.00 11.60 ? 16 DG  B C8    1 
ATOM   314 N N7    . DG  B 1 4  ? 3.083   -0.491  8.575   1.00 11.29 ? 16 DG  B N7    1 
ATOM   315 C C5    . DG  B 1 4  ? 2.124   0.507   8.452   1.00 11.49 ? 16 DG  B C5    1 
ATOM   316 C C6    . DG  B 1 4  ? 2.190   1.817   7.923   1.00 11.30 ? 16 DG  B C6    1 
ATOM   317 O O6    . DG  B 1 4  ? 3.185   2.352   7.441   1.00 11.69 ? 16 DG  B O6    1 
ATOM   318 N N1    . DG  B 1 4  ? 1.038   2.524   7.964   1.00 11.25 ? 16 DG  B N1    1 
ATOM   319 C C2    . DG  B 1 4  ? -0.088  2.023   8.514   1.00 11.57 ? 16 DG  B C2    1 
ATOM   320 N N2    . DG  B 1 4  ? -1.148  2.851   8.527   1.00 11.39 ? 16 DG  B N2    1 
ATOM   321 N N3    . DG  B 1 4  ? -0.220  0.783   9.026   1.00 11.87 ? 16 DG  B N3    1 
ATOM   322 C C4    . DG  B 1 4  ? 0.909   0.079   8.938   1.00 11.60 ? 16 DG  B C4    1 
ATOM   323 P P     . DA  B 1 5  ? -2.551  -5.001  9.695   1.00 19.88 ? 17 DA  B P     1 
ATOM   324 O OP1   . DA  B 1 5  ? -3.408  -6.140  10.150  1.00 17.35 ? 17 DA  B OP1   1 
ATOM   325 O OP2   . DA  B 1 5  ? -1.596  -5.532  8.613   1.00 22.11 ? 17 DA  B OP2   1 
ATOM   326 O "O5'" . DA  B 1 5  ? -3.359  -3.720  9.258   1.00 16.76 ? 17 DA  B "O5'" 1 
ATOM   327 C "C5'" . DA  B 1 5  ? -3.553  -2.526  10.018  1.00 16.15 ? 17 DA  B "C5'" 1 
ATOM   328 C "C4'" . DA  B 1 5  ? -4.545  -1.643  9.322   1.00 15.96 ? 17 DA  B "C4'" 1 
ATOM   329 O "O4'" . DA  B 1 5  ? -3.948  -0.606  8.571   1.00 16.01 ? 17 DA  B "O4'" 1 
ATOM   330 C "C3'" . DA  B 1 5  ? -5.406  -2.317  8.227   1.00 16.04 ? 17 DA  B "C3'" 1 
ATOM   331 O "O3'" . DA  B 1 5  ? -6.502  -1.527  7.839   1.00 16.03 ? 17 DA  B "O3'" 1 
ATOM   332 C "C2'" . DA  B 1 5  ? -4.311  -2.436  7.148   1.00 16.22 ? 17 DA  B "C2'" 1 
ATOM   333 C "C1'" . DA  B 1 5  ? -3.801  -1.002  7.173   1.00 16.39 ? 17 DA  B "C1'" 1 
ATOM   334 N N9    . DA  B 1 5  ? -2.430  -0.953  6.663   1.00 16.68 ? 17 DA  B N9    1 
ATOM   335 C C8    . DA  B 1 5  ? -1.529  -2.001  6.617   1.00 16.81 ? 17 DA  B C8    1 
ATOM   336 N N7    . DA  B 1 5  ? -0.320  -1.658  6.188   1.00 17.08 ? 17 DA  B N7    1 
ATOM   337 C C5    . DA  B 1 5  ? -0.454  -0.296  5.907   1.00 16.91 ? 17 DA  B C5    1 
ATOM   338 C C6    . DA  B 1 5  ? 0.476   0.620   5.399   1.00 16.93 ? 17 DA  B C6    1 
ATOM   339 N N6    . DA  B 1 5  ? 1.720   0.324   5.051   1.00 16.71 ? 17 DA  B N6    1 
ATOM   340 N N1    . DA  B 1 5  ? 0.009   1.896   5.216   1.00 17.24 ? 17 DA  B N1    1 
ATOM   341 C C2    . DA  B 1 5  ? -1.293  2.238   5.577   1.00 17.30 ? 17 DA  B C2    1 
ATOM   342 N N3    . DA  B 1 5  ? -2.216  1.394   6.076   1.00 17.10 ? 17 DA  B N3    1 
ATOM   343 C C4    . DA  B 1 5  ? -1.736  0.140   6.194   1.00 16.81 ? 17 DA  B C4    1 
ATOM   344 P P     . DA  B 1 6  ? -7.646  -1.710  6.806   1.00 15.71 ? 18 DA  B P     1 
ATOM   345 O OP1   . DA  B 1 6  ? -8.984  -1.469  7.427   1.00 16.97 ? 18 DA  B OP1   1 
ATOM   346 O OP2   . DA  B 1 6  ? -7.540  -3.117  6.222   1.00 15.18 ? 18 DA  B OP2   1 
ATOM   347 O "O5'" . DA  B 1 6  ? -7.368  -0.692  5.607   1.00 11.74 ? 18 DA  B "O5'" 1 
ATOM   348 C "C5'" . DA  B 1 6  ? -7.617  0.761   5.836   1.00 10.71 ? 18 DA  B "C5'" 1 
ATOM   349 C "C4'" . DA  B 1 6  ? -6.875  1.306   4.587   1.00 9.76  ? 18 DA  B "C4'" 1 
ATOM   350 O "O4'" . DA  B 1 6  ? -5.621  0.690   4.529   1.00 8.81  ? 18 DA  B "O4'" 1 
ATOM   351 C "C3'" . DA  B 1 6  ? -7.522  0.933   3.254   1.00 9.65  ? 18 DA  B "C3'" 1 
ATOM   352 O "O3'" . DA  B 1 6  ? -8.231  2.064   2.744   1.00 10.98 ? 18 DA  B "O3'" 1 
ATOM   353 C "C2'" . DA  B 1 6  ? -6.337  0.472   2.402   1.00 9.01  ? 18 DA  B "C2'" 1 
ATOM   354 C "C1'" . DA  B 1 6  ? -5.136  0.905   3.164   1.00 7.59  ? 18 DA  B "C1'" 1 
ATOM   355 N N9    . DA  B 1 6  ? -3.945  0.094   3.047   1.00 6.29  ? 18 DA  B N9    1 
ATOM   356 C C8    . DA  B 1 6  ? -3.782  -1.208  3.462   1.00 5.79  ? 18 DA  B C8    1 
ATOM   357 N N7    . DA  B 1 6  ? -2.587  -1.692  3.238   1.00 6.07  ? 18 DA  B N7    1 
ATOM   358 C C5    . DA  B 1 6  ? -1.902  -0.611  2.674   1.00 5.41  ? 18 DA  B C5    1 
ATOM   359 C C6    . DA  B 1 6  ? -0.580  -0.476  2.217   1.00 5.69  ? 18 DA  B C6    1 
ATOM   360 N N6    . DA  B 1 6  ? 0.333   -1.441  2.238   1.00 5.36  ? 18 DA  B N6    1 
ATOM   361 N N1    . DA  B 1 6  ? -0.297  0.773   1.699   1.00 5.02  ? 18 DA  B N1    1 
ATOM   362 C C2    . DA  B 1 6  ? -1.195  1.765   1.654   1.00 4.51  ? 18 DA  B C2    1 
ATOM   363 N N3    . DA  B 1 6  ? -2.422  1.695   2.055   1.00 5.18  ? 18 DA  B N3    1 
ATOM   364 C C4    . DA  B 1 6  ? -2.725  0.485   2.556   1.00 5.57  ? 18 DA  B C4    1 
ATOM   365 P P     . DT  B 1 7  ? -9.302  1.985   1.524   1.00 16.55 ? 19 DT  B P     1 
ATOM   366 O OP1   . DT  B 1 7  ? -10.653 2.328   1.980   1.00 14.04 ? 19 DT  B OP1   1 
ATOM   367 O OP2   . DT  B 1 7  ? -9.067  0.630   1.005   1.00 13.66 ? 19 DT  B OP2   1 
ATOM   368 O "O5'" . DT  B 1 7  ? -8.642  3.172   0.595   1.00 12.75 ? 19 DT  B "O5'" 1 
ATOM   369 C "C5'" . DT  B 1 7  ? -7.324  2.659   0.092   1.00 13.11 ? 19 DT  B "C5'" 1 
ATOM   370 C "C4'" . DT  B 1 7  ? -6.594  3.818   -0.516  1.00 12.73 ? 19 DT  B "C4'" 1 
ATOM   371 O "O4'" . DT  B 1 7  ? -5.190  3.568   -0.337  1.00 12.52 ? 19 DT  B "O4'" 1 
ATOM   372 C "C3'" . DT  B 1 7  ? -6.727  4.028   -2.005  1.00 12.61 ? 19 DT  B "C3'" 1 
ATOM   373 O "O3'" . DT  B 1 7  ? -6.411  5.377   -2.441  1.00 12.98 ? 19 DT  B "O3'" 1 
ATOM   374 C "C2'" . DT  B 1 7  ? -5.722  3.016   -2.549  1.00 12.57 ? 19 DT  B "C2'" 1 
ATOM   375 C "C1'" . DT  B 1 7  ? -4.646  2.970   -1.504  1.00 12.00 ? 19 DT  B "C1'" 1 
ATOM   376 N N1    . DT  B 1 7  ? -4.177  1.589   -1.264  1.00 11.98 ? 19 DT  B N1    1 
ATOM   377 C C2    . DT  B 1 7  ? -2.779  1.415   -1.445  1.00 12.04 ? 19 DT  B C2    1 
ATOM   378 O O2    . DT  B 1 7  ? -2.054  2.370   -1.798  1.00 11.88 ? 19 DT  B O2    1 
ATOM   379 N N3    . DT  B 1 7  ? -2.274  0.171   -1.280  1.00 11.70 ? 19 DT  B N3    1 
ATOM   380 C C4    . DT  B 1 7  ? -3.022  -0.885  -0.901  1.00 11.54 ? 19 DT  B C4    1 
ATOM   381 O O4    . DT  B 1 7  ? -2.403  -1.985  -0.718  1.00 12.40 ? 19 DT  B O4    1 
ATOM   382 C C5    . DT  B 1 7  ? -4.399  -0.699  -0.681  1.00 11.89 ? 19 DT  B C5    1 
ATOM   383 C C7    . DT  B 1 7  ? -5.246  -1.889  -0.268  1.00 12.08 ? 19 DT  B C7    1 
ATOM   384 C C6    . DT  B 1 7  ? -4.928  0.529   -0.891  1.00 11.69 ? 19 DT  B C6    1 
ATOM   385 P P     . DT  B 1 8  ? -7.017  5.839   -3.897  1.00 16.66 ? 20 DT  B P     1 
ATOM   386 O OP1   . DT  B 1 8  ? -7.654  7.163   -3.806  1.00 17.62 ? 20 DT  B OP1   1 
ATOM   387 O OP2   . DT  B 1 8  ? -7.933  4.737   -4.258  1.00 12.61 ? 20 DT  B OP2   1 
ATOM   388 O "O5'" . DT  B 1 8  ? -5.660  5.879   -4.796  1.00 12.56 ? 20 DT  B "O5'" 1 
ATOM   389 C "C5'" . DT  B 1 8  ? -5.057  4.571   -5.110  1.00 11.53 ? 20 DT  B "C5'" 1 
ATOM   390 C "C4'" . DT  B 1 8  ? -3.682  4.905   -5.681  1.00 11.43 ? 20 DT  B "C4'" 1 
ATOM   391 O "O4'" . DT  B 1 8  ? -2.684  4.064   -5.115  1.00 11.15 ? 20 DT  B "O4'" 1 
ATOM   392 C "C3'" . DT  B 1 8  ? -3.538  4.634   -7.166  1.00 11.34 ? 20 DT  B "C3'" 1 
ATOM   393 O "O3'" . DT  B 1 8  ? -2.330  5.243   -7.699  1.00 12.18 ? 20 DT  B "O3'" 1 
ATOM   394 C "C2'" . DT  B 1 8  ? -3.373  3.167   -7.217  1.00 11.12 ? 20 DT  B "C2'" 1 
ATOM   395 C "C1'" . DT  B 1 8  ? -2.394  2.984   -6.000  1.00 10.61 ? 20 DT  B "C1'" 1 
ATOM   396 N N1    . DT  B 1 8  ? -2.644  1.659   -5.469  1.00 10.03 ? 20 DT  B N1    1 
ATOM   397 C C2    . DT  B 1 8  ? -1.603  0.784   -5.364  1.00 9.88  ? 20 DT  B C2    1 
ATOM   398 O O2    . DT  B 1 8  ? -0.466  1.132   -5.687  1.00 10.31 ? 20 DT  B O2    1 
ATOM   399 N N3    . DT  B 1 8  ? -1.859  -0.462  -4.860  1.00 9.85  ? 20 DT  B N3    1 
ATOM   400 C C4    . DT  B 1 8  ? -3.120  -0.845  -4.516  1.00 9.38  ? 20 DT  B C4    1 
ATOM   401 O O4    . DT  B 1 8  ? -3.258  -2.017  -4.070  1.00 10.16 ? 20 DT  B O4    1 
ATOM   402 C C5    . DT  B 1 8  ? -4.195  0.045   -4.659  1.00 9.74  ? 20 DT  B C5    1 
ATOM   403 C C7    . DT  B 1 8  ? -5.603  -0.349  -4.293  1.00 9.41  ? 20 DT  B C7    1 
ATOM   404 C C6    . DT  B 1 8  ? -3.922  1.260   -5.149  1.00 9.83  ? 20 DT  B C6    1 
ATOM   405 P P     . DC  B 1 9  ? -2.273  5.493   -9.263  1.00 13.99 ? 21 DC  B P     1 
ATOM   406 O OP1   . DC  B 1 9  ? -1.699  6.852   -9.495  1.00 15.85 ? 21 DC  B OP1   1 
ATOM   407 O OP2   . DC  B 1 9  ? -3.635  5.332   -9.745  1.00 15.09 ? 21 DC  B OP2   1 
ATOM   408 O "O5'" . DC  B 1 9  ? -1.269  4.322   -9.798  1.00 10.67 ? 21 DC  B "O5'" 1 
ATOM   409 C "C5'" . DC  B 1 9  ? -0.373  3.724   -8.836  1.00 9.82  ? 21 DC  B "C5'" 1 
ATOM   410 C "C4'" . DC  B 1 9  ? 0.593   2.822   -9.564  1.00 9.49  ? 21 DC  B "C4'" 1 
ATOM   411 O "O4'" . DC  B 1 9  ? 0.519   1.526   -8.976  1.00 9.31  ? 21 DC  B "O4'" 1 
ATOM   412 C "C3'" . DC  B 1 9  ? 0.326   2.612   -11.046 1.00 9.56  ? 21 DC  B "C3'" 1 
ATOM   413 O "O3'" . DC  B 1 9  ? 1.517   2.435   -11.845 1.00 10.30 ? 21 DC  B "O3'" 1 
ATOM   414 C "C2'" . DC  B 1 9  ? -0.555  1.365   -11.038 1.00 9.10  ? 21 DC  B "C2'" 1 
ATOM   415 C "C1'" . DC  B 1 9  ? 0.046   0.568   -9.928  1.00 8.46  ? 21 DC  B "C1'" 1 
ATOM   416 N N1    . DC  B 1 9  ? -0.923  -0.291  -9.247  1.00 8.28  ? 21 DC  B N1    1 
ATOM   417 C C2    . DC  B 1 9  ? -0.372  -1.424  -8.620  1.00 8.40  ? 21 DC  B C2    1 
ATOM   418 O O2    . DC  B 1 9  ? 0.840   -1.691  -8.718  1.00 7.92  ? 21 DC  B O2    1 
ATOM   419 N N3    . DC  B 1 9  ? -1.256  -2.221  -7.946  1.00 8.34  ? 21 DC  B N3    1 
ATOM   420 C C4    . DC  B 1 9  ? -2.542  -1.940  -7.829  1.00 8.44  ? 21 DC  B C4    1 
ATOM   421 N N4    . DC  B 1 9  ? -3.371  -2.754  -7.158  1.00 8.73  ? 21 DC  B N4    1 
ATOM   422 C C5    . DC  B 1 9  ? -3.089  -0.766  -8.451  1.00 8.01  ? 21 DC  B C5    1 
ATOM   423 C C6    . DC  B 1 9  ? -2.218  -0.021  -9.113  1.00 8.14  ? 21 DC  B C6    1 
ATOM   424 P P     . DG  B 1 10 ? 1.384   2.587   -13.460 1.00 5.43  ? 22 DG  B P     1 
ATOM   425 O OP1   . DG  B 1 10 ? 2.433   3.462   -13.970 1.00 14.36 ? 22 DG  B OP1   1 
ATOM   426 O OP2   . DG  B 1 10 ? -0.005  3.057   -13.621 1.00 14.82 ? 22 DG  B OP2   1 
ATOM   427 O "O5'" . DG  B 1 10 ? 1.627   1.060   -13.949 1.00 11.68 ? 22 DG  B "O5'" 1 
ATOM   428 C "C5'" . DG  B 1 10 ? 2.866   0.458   -13.368 1.00 10.30 ? 22 DG  B "C5'" 1 
ATOM   429 C "C4'" . DG  B 1 10 ? 2.926   -0.996  -13.701 1.00 9.52  ? 22 DG  B "C4'" 1 
ATOM   430 O "O4'" . DG  B 1 10 ? 2.111   -1.777  -12.836 1.00 9.07  ? 22 DG  B "O4'" 1 
ATOM   431 C "C3'" . DG  B 1 10 ? 2.380   -1.370  -15.084 1.00 9.24  ? 22 DG  B "C3'" 1 
ATOM   432 O "O3'" . DG  B 1 10 ? 2.815   -2.628  -15.430 1.00 9.74  ? 22 DG  B "O3'" 1 
ATOM   433 C "C2'" . DG  B 1 10 ? 0.870   -1.354  -14.745 1.00 8.76  ? 22 DG  B "C2'" 1 
ATOM   434 C "C1'" . DG  B 1 10 ? 0.982   -2.308  -13.532 1.00 8.00  ? 22 DG  B "C1'" 1 
ATOM   435 N N9    . DG  B 1 10 ? -0.274  -2.384  -12.818 1.00 7.51  ? 22 DG  B N9    1 
ATOM   436 C C8    . DG  B 1 10 ? -1.363  -1.532  -12.896 1.00 7.25  ? 22 DG  B C8    1 
ATOM   437 N N7    . DG  B 1 10 ? -2.385  -1.904  -12.171 1.00 7.22  ? 22 DG  B N7    1 
ATOM   438 C C5    . DG  B 1 10 ? -1.973  -3.101  -11.599 1.00 6.81  ? 22 DG  B C5    1 
ATOM   439 C C6    . DG  B 1 10 ? -2.634  -3.968  -10.702 1.00 6.95  ? 22 DG  B C6    1 
ATOM   440 O O6    . DG  B 1 10 ? -3.764  -3.924  -10.186 1.00 6.68  ? 22 DG  B O6    1 
ATOM   441 N N1    . DG  B 1 10 ? -1.929  -5.072  -10.361 1.00 6.12  ? 22 DG  B N1    1 
ATOM   442 C C2    . DG  B 1 10 ? -0.688  -5.310  -10.840 1.00 6.45  ? 22 DG  B C2    1 
ATOM   443 N N2    . DG  B 1 10 ? -0.258  -6.462  -10.327 1.00 6.37  ? 22 DG  B N2    1 
ATOM   444 N N3    . DG  B 1 10 ? 0.031   -4.531  -11.647 1.00 6.73  ? 22 DG  B N3    1 
ATOM   445 C C4    . DG  B 1 10 ? -0.691  -3.410  -11.974 1.00 7.12  ? 22 DG  B C4    1 
ATOM   446 P P     . DC  B 1 11 ? 4.039   -2.935  -16.443 1.00 19.87 ? 23 DC  B P     1 
ATOM   447 O OP1   . DC  B 1 11 ? 5.306   -2.352  -15.858 1.00 14.55 ? 23 DC  B OP1   1 
ATOM   448 O OP2   . DC  B 1 11 ? 3.568   -2.376  -17.709 1.00 16.02 ? 23 DC  B OP2   1 
ATOM   449 O "O5'" . DC  B 1 11 ? 4.135   -4.548  -16.381 1.00 15.10 ? 23 DC  B "O5'" 1 
ATOM   450 C "C5'" . DC  B 1 11 ? 4.854   -5.090  -15.176 1.00 15.23 ? 23 DC  B "C5'" 1 
ATOM   451 C "C4'" . DC  B 1 11 ? 4.096   -6.401  -14.970 1.00 15.13 ? 23 DC  B "C4'" 1 
ATOM   452 O "O4'" . DC  B 1 11 ? 2.866   -6.113  -14.327 1.00 15.28 ? 23 DC  B "O4'" 1 
ATOM   453 C "C3'" . DC  B 1 11 ? 3.755   -7.092  -16.286 1.00 15.34 ? 23 DC  B "C3'" 1 
ATOM   454 O "O3'" . DC  B 1 11 ? 4.596   -8.242  -16.522 1.00 15.25 ? 23 DC  B "O3'" 1 
ATOM   455 C "C2'" . DC  B 1 11 ? 2.289   -7.411  -16.175 1.00 14.96 ? 23 DC  B "C2'" 1 
ATOM   456 C "C1'" . DC  B 1 11 ? 1.870   -7.002  -14.816 1.00 14.71 ? 23 DC  B "C1'" 1 
ATOM   457 N N1    . DC  B 1 11 ? 0.531   -6.361  -14.845 1.00 14.24 ? 23 DC  B N1    1 
ATOM   458 C C2    . DC  B 1 11 ? -0.403  -6.913  -13.990 1.00 14.32 ? 23 DC  B C2    1 
ATOM   459 O O2    . DC  B 1 11 ? -0.052  -7.863  -13.268 1.00 14.96 ? 23 DC  B O2    1 
ATOM   460 N N3    . DC  B 1 11 ? -1.659  -6.384  -13.953 1.00 13.94 ? 23 DC  B N3    1 
ATOM   461 C C4    . DC  B 1 11 ? -2.004  -5.374  -14.778 1.00 13.87 ? 23 DC  B C4    1 
ATOM   462 N N4    . DC  B 1 11 ? -3.253  -4.910  -14.743 1.00 14.43 ? 23 DC  B N4    1 
ATOM   463 C C5    . DC  B 1 11 ? -1.082  -4.833  -15.686 1.00 14.10 ? 23 DC  B C5    1 
ATOM   464 C C6    . DC  B 1 11 ? 0.180   -5.354  -15.663 1.00 14.37 ? 23 DC  B C6    1 
ATOM   465 P P     . DG  B 1 12 ? 4.595   -9.035  -17.886 1.00 20.75 ? 24 DG  B P     1 
ATOM   466 O OP1   . DG  B 1 12 ? 5.962   -9.626  -18.168 1.00 18.51 ? 24 DG  B OP1   1 
ATOM   467 O OP2   . DG  B 1 12 ? 4.116   -8.075  -18.913 1.00 17.84 ? 24 DG  B OP2   1 
ATOM   468 O "O5'" . DG  B 1 12 ? 3.581   -10.273 -17.643 1.00 14.97 ? 24 DG  B "O5'" 1 
ATOM   469 C "C5'" . DG  B 1 12 ? 3.894   -11.075 -16.429 1.00 13.93 ? 24 DG  B "C5'" 1 
ATOM   470 C "C4'" . DG  B 1 12 ? 2.606   -11.844 -16.227 1.00 13.59 ? 24 DG  B "C4'" 1 
ATOM   471 O "O4'" . DG  B 1 12 ? 1.650   -10.896 -15.717 1.00 13.32 ? 24 DG  B "O4'" 1 
ATOM   472 C "C3'" . DG  B 1 12 ? 1.896   -12.412 -17.434 1.00 13.33 ? 24 DG  B "C3'" 1 
ATOM   473 O "O3'" . DG  B 1 12 ? 2.448   -13.652 -17.922 1.00 13.67 ? 24 DG  B "O3'" 1 
ATOM   474 C "C2'" . DG  B 1 12 ? 0.476   -12.622 -16.861 1.00 12.93 ? 24 DG  B "C2'" 1 
ATOM   475 C "C1'" . DG  B 1 12 ? 0.322   -11.531 -15.886 1.00 12.31 ? 24 DG  B "C1'" 1 
ATOM   476 N N9    . DG  B 1 12 ? -0.523  -10.414 -16.320 1.00 11.56 ? 24 DG  B N9    1 
ATOM   477 C C8    . DG  B 1 12 ? -0.101  -9.363  -17.117 1.00 11.51 ? 24 DG  B C8    1 
ATOM   478 N N7    . DG  B 1 12 ? -1.033  -8.473  -17.371 1.00 11.23 ? 24 DG  B N7    1 
ATOM   479 C C5    . DG  B 1 12 ? -2.095  -8.950  -16.620 1.00 10.96 ? 24 DG  B C5    1 
ATOM   480 C C6    . DG  B 1 12 ? -3.386  -8.410  -16.462 1.00 11.33 ? 24 DG  B C6    1 
ATOM   481 O O6    . DG  B 1 12 ? -3.722  -7.324  -17.012 1.00 12.01 ? 24 DG  B O6    1 
ATOM   482 N N1    . DG  B 1 12 ? -4.204  -9.134  -15.677 1.00 11.22 ? 24 DG  B N1    1 
ATOM   483 C C2    . DG  B 1 12 ? -3.782  -10.306 -15.115 1.00 11.51 ? 24 DG  B C2    1 
ATOM   484 N N2    . DG  B 1 12 ? -4.700  -10.963 -14.372 1.00 11.87 ? 24 DG  B N2    1 
ATOM   485 N N3    . DG  B 1 12 ? -2.581  -10.874 -15.218 1.00 11.18 ? 24 DG  B N3    1 
ATOM   486 C C4    . DG  B 1 12 ? -1.794  -10.115 -15.990 1.00 11.16 ? 24 DG  B C4    1 
HETATM 487 C C1    . NT  C 2 .  ? 3.889   -2.522  -9.746  1.00 40.08 ? 25 NT  B C1    1 
HETATM 488 N N1    . NT  C 2 .  ? 3.691   -3.833  -9.830  1.00 40.06 ? 25 NT  B N1    1 
HETATM 489 N N2    . NT  C 2 .  ? 3.936   -1.893  -10.986 1.00 40.22 ? 25 NT  B N2    1 
HETATM 490 N N3    . NT  C 2 .  ? 3.396   -1.823  -8.761  1.00 39.76 ? 25 NT  B N3    1 
HETATM 491 C C2    . NT  C 2 .  ? 3.614   -1.562  -7.388  1.00 39.10 ? 25 NT  B C2    1 
HETATM 492 C C3    . NT  C 2 .  ? 3.590   -0.011  -7.370  1.00 38.71 ? 25 NT  B C3    1 
HETATM 493 O O1    . NT  C 2 .  ? 4.503   0.496   -8.059  1.00 39.09 ? 25 NT  B O1    1 
HETATM 494 N N4    . NT  C 2 .  ? 2.627   0.640   -6.767  1.00 38.24 ? 25 NT  B N4    1 
HETATM 495 C C4    . NT  C 2 .  ? 2.535   2.073   -6.711  1.00 37.69 ? 25 NT  B C4    1 
HETATM 496 C C5    . NT  C 2 .  ? 1.725   2.749   -5.915  1.00 37.43 ? 25 NT  B C5    1 
HETATM 497 C C6    . NT  C 2 .  ? 1.982   4.137   -6.095  1.00 37.28 ? 25 NT  B C6    1 
HETATM 498 N N5    . NT  C 2 .  ? 2.924   4.212   -7.029  1.00 37.42 ? 25 NT  B N5    1 
HETATM 499 C C8    . NT  C 2 .  ? 3.671   5.317   -7.691  1.00 37.37 ? 25 NT  B C8    1 
HETATM 500 C C7    . NT  C 2 .  ? 3.314   2.927   -7.410  1.00 37.58 ? 25 NT  B C7    1 
HETATM 501 C C9    . NT  C 2 .  ? 1.193   5.187   -5.408  1.00 36.94 ? 25 NT  B C9    1 
HETATM 502 O O2    . NT  C 2 .  ? 0.803   6.286   -5.819  1.00 36.67 ? 25 NT  B O2    1 
HETATM 503 N N6    . NT  C 2 .  ? 0.692   4.857   -4.205  1.00 36.78 ? 25 NT  B N6    1 
HETATM 504 C C10   . NT  C 2 .  ? -0.241  5.693   -3.483  1.00 36.75 ? 25 NT  B C10   1 
HETATM 505 C C11   . NT  C 2 .  ? -0.905  5.205   -2.323  1.00 36.63 ? 25 NT  B C11   1 
HETATM 506 C C12   . NT  C 2 .  ? -1.799  6.153   -1.909  1.00 36.43 ? 25 NT  B C12   1 
HETATM 507 N N7    . NT  C 2 .  ? -1.661  7.203   -2.845  1.00 36.66 ? 25 NT  B N7    1 
HETATM 508 C C14   . NT  C 2 .  ? -2.440  8.429   -2.772  1.00 36.58 ? 25 NT  B C14   1 
HETATM 509 C C13   . NT  C 2 .  ? -0.773  6.894   -3.802  1.00 36.74 ? 25 NT  B C13   1 
HETATM 510 C C15   . NT  C 2 .  ? -2.703  6.357   -0.824  1.00 36.57 ? 25 NT  B C15   1 
HETATM 511 O O3    . NT  C 2 .  ? -3.600  7.220   -0.772  1.00 36.23 ? 25 NT  B O3    1 
HETATM 512 N N8    . NT  C 2 .  ? -2.532  5.573   0.280   1.00 36.69 ? 25 NT  B N8    1 
HETATM 513 C C16   . NT  C 2 .  ? -3.521  5.899   1.401   1.00 36.54 ? 25 NT  B C16   1 
HETATM 514 C C17   . NT  C 2 .  ? -3.030  5.499   2.758   1.00 36.52 ? 25 NT  B C17   1 
HETATM 515 C C18   . NT  C 2 .  ? -4.178  5.358   3.756   1.00 36.51 ? 25 NT  B C18   1 
HETATM 516 N N9    . NT  C 2 .  ? -5.360  5.912   3.440   1.00 36.56 ? 25 NT  B N9    1 
HETATM 517 N N10   . NT  C 2 .  ? -3.920  4.879   4.932   1.00 36.55 ? 25 NT  B N10   1 
HETATM 518 O O     . HOH D 3 .  ? 16.945  -12.127 -0.285  1.00 10.60 ? 27 HOH A O     1 
HETATM 519 O O     . HOH D 3 .  ? -6.755  -3.193  -11.545 1.00 15.30 ? 28 HOH A O     1 
HETATM 520 O O     . HOH D 3 .  ? 8.964   0.391   -0.878  1.00 4.71  ? 30 HOH A O     1 
HETATM 521 O O     . HOH D 3 .  ? 8.815   11.751  -5.593  1.00 27.79 ? 31 HOH A O     1 
HETATM 522 O O     . HOH D 3 .  ? -9.250  0.200   18.644  1.00 17.82 ? 33 HOH A O     1 
HETATM 523 O O     . HOH D 3 .  ? 7.891   2.755   0.376   1.00 11.86 ? 35 HOH A O     1 
HETATM 524 O O     . HOH D 3 .  ? 2.010   12.726  -4.026  1.00 26.26 ? 37 HOH A O     1 
HETATM 525 O O     . HOH D 3 .  ? 11.644  -1.662  2.828   1.00 63.94 ? 38 HOH A O     1 
HETATM 526 O O     . HOH D 3 .  ? 18.581  -3.311  8.277   1.00 40.30 ? 42 HOH A O     1 
HETATM 527 O O     . HOH D 3 .  ? 3.824   10.470  10.123  1.00 25.51 ? 43 HOH A O     1 
HETATM 528 O O     . HOH D 3 .  ? 11.384  4.069   4.024   1.00 47.89 ? 44 HOH A O     1 
HETATM 529 O O     . HOH D 3 .  ? 6.395   1.643   4.859   1.00 28.79 ? 45 HOH A O     1 
HETATM 530 O O     . HOH D 3 .  ? 13.004  2.317   5.414   1.00 12.36 ? 46 HOH A O     1 
HETATM 531 O O     . HOH D 3 .  ? 15.778  0.962   7.686   1.00 27.16 ? 48 HOH A O     1 
HETATM 532 O O     . HOH D 3 .  ? 8.821   6.521   4.878   1.00 23.07 ? 49 HOH A O     1 
HETATM 533 O O     . HOH D 3 .  ? 7.042   11.512  3.510   1.00 12.12 ? 50 HOH A O     1 
HETATM 534 O O     . HOH D 3 .  ? -3.997  14.419  3.080   1.00 12.94 ? 53 HOH A O     1 
HETATM 535 O O     . HOH D 3 .  ? -7.838  12.880  7.999   1.00 2.50  ? 54 HOH A O     1 
HETATM 536 O O     . HOH D 3 .  ? 9.311   3.123   2.923   1.00 13.28 ? 55 HOH A O     1 
HETATM 537 O O     . HOH D 3 .  ? 19.459  -7.751  4.790   1.00 17.64 ? 59 HOH A O     1 
HETATM 538 O O     . HOH D 3 .  ? 8.247   -6.957  -9.351  1.00 25.39 ? 61 HOH A O     1 
HETATM 539 O O     . HOH D 3 .  ? 13.744  -4.709  -2.312  1.00 11.33 ? 62 HOH A O     1 
HETATM 540 O O     . HOH D 3 .  ? 8.183   10.076  -10.499 1.00 12.54 ? 63 HOH A O     1 
HETATM 541 O O     . HOH D 3 .  ? 5.814   12.554  -0.475  1.00 15.29 ? 64 HOH A O     1 
HETATM 542 O O     . HOH D 3 .  ? -7.110  6.125   18.871  1.00 2.50  ? 65 HOH A O     1 
HETATM 543 O O     . HOH D 3 .  ? -2.894  -9.852  0.540   1.00 12.85 ? 66 HOH A O     1 
HETATM 544 O O     . HOH D 3 .  ? 7.624   5.412   -7.134  1.00 20.48 ? 67 HOH A O     1 
HETATM 545 O O     . HOH D 3 .  ? -9.002  12.014  1.948   1.00 42.64 ? 72 HOH A O     1 
HETATM 546 O O     . HOH D 3 .  ? -4.880  10.714  -0.847  1.00 34.55 ? 75 HOH A O     1 
HETATM 547 O O     . HOH D 3 .  ? 8.697   -11.193 -0.741  1.00 31.70 ? 79 HOH A O     1 
HETATM 548 O O     . HOH D 3 .  ? -4.447  -8.368  -3.145  1.00 18.54 ? 80 HOH A O     1 
HETATM 549 O O     . HOH D 3 .  ? -16.382 -8.385  -5.181  1.00 24.70 ? 82 HOH A O     1 
HETATM 550 O O     . HOH D 3 .  ? 5.241   8.033   4.954   1.00 27.07 ? 87 HOH A O     1 
HETATM 551 O O     . HOH D 3 .  ? 11.802  -3.205  6.044   1.00 32.60 ? 89 HOH A O     1 
HETATM 552 O O     . HOH D 3 .  ? 8.045   11.196  -2.152  1.00 51.12 ? 90 HOH A O     1 
HETATM 553 O O     . HOH D 3 .  ? 5.322   8.407   -6.865  1.00 31.53 ? 93 HOH A O     1 
HETATM 554 O O     . HOH D 3 .  ? 11.283  -5.362  -1.796  1.00 61.61 ? 94 HOH A O     1 
HETATM 555 O O     . HOH D 3 .  ? -13.720 -8.508  -2.523  1.00 25.62 ? 95 HOH A O     1 
HETATM 556 O O     . HOH D 3 .  ? -8.857  -7.386  -4.648  1.00 57.15 ? 98 HOH A O     1 
HETATM 557 O O     . HOH D 3 .  ? 7.879   -4.285  -7.920  1.00 55.35 ? 99 HOH A O     1 
HETATM 558 O O     . HOH E 3 .  ? 6.207   2.704   -8.784  1.00 32.47 ? 26 HOH B O     1 
HETATM 559 O O     . HOH E 3 .  ? -12.373 -2.846  -1.523  1.00 6.82  ? 29 HOH B O     1 
HETATM 560 O O     . HOH E 3 .  ? 2.977   -5.700  1.797   1.00 11.04 ? 32 HOH B O     1 
HETATM 561 O O     . HOH E 3 .  ? -2.656  11.375  -5.855  1.00 21.21 ? 34 HOH B O     1 
HETATM 562 O O     . HOH E 3 .  ? -0.199  -3.791  3.152   1.00 8.08  ? 36 HOH B O     1 
HETATM 563 O O     . HOH E 3 .  ? -6.564  11.690  -3.122  1.00 42.37 ? 39 HOH B O     1 
HETATM 564 O O     . HOH E 3 .  ? -13.363 0.766   0.564   1.00 25.42 ? 40 HOH B O     1 
HETATM 565 O O     . HOH E 3 .  ? 5.972   -4.494  6.821   1.00 4.24  ? 41 HOH B O     1 
HETATM 566 O O     . HOH E 3 .  ? 12.115  2.430   12.583  1.00 9.87  ? 47 HOH B O     1 
HETATM 567 O O     . HOH E 3 .  ? 7.617   -4.716  10.964  1.00 9.64  ? 51 HOH B O     1 
HETATM 568 O O     . HOH E 3 .  ? 7.928   4.885   6.510   1.00 3.92  ? 52 HOH B O     1 
HETATM 569 O O     . HOH E 3 .  ? -5.246  -8.327  6.741   1.00 21.46 ? 56 HOH B O     1 
HETATM 570 O O     . HOH E 3 .  ? 2.136   -4.152  4.349   1.00 7.12  ? 57 HOH B O     1 
HETATM 571 O O     . HOH E 3 .  ? -15.587 -1.633  0.872   1.00 21.23 ? 58 HOH B O     1 
HETATM 572 O O     . HOH E 3 .  ? 6.583   -3.211  2.044   1.00 2.91  ? 60 HOH B O     1 
HETATM 573 O O     . HOH E 3 .  ? 4.641   5.867   -14.637 1.00 25.66 ? 68 HOH B O     1 
HETATM 574 O O     . HOH E 3 .  ? -0.470  9.633   -9.964  1.00 13.16 ? 69 HOH B O     1 
HETATM 575 O O     . HOH E 3 .  ? 8.482   -10.003 -16.047 1.00 13.07 ? 70 HOH B O     1 
HETATM 576 O O     . HOH E 3 .  ? 11.428  -3.867  8.938   1.00 24.05 ? 71 HOH B O     1 
HETATM 577 O O     . HOH E 3 .  ? 8.123   -2.067  8.702   1.00 42.27 ? 73 HOH B O     1 
HETATM 578 O O     . HOH E 3 .  ? 6.298   -2.469  5.095   1.00 23.22 ? 74 HOH B O     1 
HETATM 579 O O     . HOH E 3 .  ? -6.926  -5.078  3.305   1.00 28.54 ? 76 HOH B O     1 
HETATM 580 O O     . HOH E 3 .  ? -9.705  -6.593  1.994   1.00 31.28 ? 77 HOH B O     1 
HETATM 581 O O     . HOH E 3 .  ? -10.127 0.315   -3.680  1.00 16.30 ? 78 HOH B O     1 
HETATM 582 O O     . HOH E 3 .  ? 7.014   4.328   -12.773 1.00 22.57 ? 81 HOH B O     1 
HETATM 583 O O     . HOH E 3 .  ? -5.870  4.158   7.202   1.00 17.81 ? 83 HOH B O     1 
HETATM 584 O O     . HOH E 3 .  ? 3.264   -15.938 -16.914 1.00 10.05 ? 84 HOH B O     1 
HETATM 585 O O     . HOH E 3 .  ? 5.404   -0.921  7.616   1.00 37.72 ? 85 HOH B O     1 
HETATM 586 O O     . HOH E 3 .  ? -16.557 -5.589  1.169   1.00 29.55 ? 86 HOH B O     1 
HETATM 587 O O     . HOH E 3 .  ? -8.835  14.329  -1.487  1.00 56.46 ? 88 HOH B O     1 
HETATM 588 O O     . HOH E 3 .  ? -4.243  -8.080  3.208   1.00 57.76 ? 91 HOH B O     1 
HETATM 589 O O     . HOH E 3 .  ? 3.739   -5.559  -11.666 1.00 44.37 ? 92 HOH B O     1 
HETATM 590 O O     . HOH E 3 .  ? -7.582  -3.971  -3.271  1.00 48.53 ? 96 HOH B O     1 
HETATM 591 O O     . HOH E 3 .  ? -10.422 -1.845  -5.659  1.00 65.65 ? 97 HOH B O     1 
# 
